data_8POZ
#
_entry.id   8POZ
#
_cell.length_a   73.415
_cell.length_b   95.751
_cell.length_c   120.597
_cell.angle_alpha   90.00
_cell.angle_beta   90.00
_cell.angle_gamma   90.00
#
_symmetry.space_group_name_H-M   'P 21 21 21'
#
loop_
_entity.id
_entity.type
_entity.pdbx_description
1 polymer 'Uptake hydrogenase large subunit'
2 polymer 'Uptake hydrogenase small subunit'
3 non-polymer formyl[bis(hydrocyanato-1kappaC)]ironnickel(Fe-Ni)
4 non-polymer 'MAGNESIUM ION'
5 non-polymer 'CHLORIDE ION'
6 non-polymer 'IRON/SULFUR CLUSTER'
7 non-polymer 'FE3-S4 CLUSTER'
8 non-polymer 'IRON/SULFUR CLUSTER'
9 non-polymer 'FE4-S3 CLUSTER'
10 water water
#
loop_
_entity_poly.entity_id
_entity_poly.type
_entity_poly.pdbx_seq_one_letter_code
_entity_poly.pdbx_strand_id
1 'polypeptide(L)'
;MSAYATQGFNLDDRGRRIVVDPVTRIEGHMRCEVNVDANNVIRNAVSTGTMWRGLEVILKGRDPRDAWAFVERICGVCTG
CHALASVRAVENALDIRIPKNAHLIREIMAKTLQVHDHAVHFYHLHALDWVDVMSALKADPKRTSELQQLVSPAHPLSSA
GYFRDIQNRLKRFVESGQLGPFMNGYWGSKAYVLPPEANLMAVTHYLEALDLQKEWVKIHTIFGGKNPHPNYLVGGVPCA
INLDGIGAASAPVNMERLSFVKARIDEIIEFNKNVYVPDVLAIGTLYKQAGWLYGGGLAATNVLDYGEYPNVAYNKSTDQ
LPGGAILNGNWDEVFPVDPRDSQQVQEFVSHSWYKYADESVGLHPWDGVTEPNYVLGANTKGTRTRIEQIDESAKYSWIK
SPRWRGHAMEVGPLSRYILAYAHARSGNKYAERPKEQLEYSAQMINSAIPKALGLPETQYTLKQLLPSTIGRTLARALES
QYCGEMMHSDWHDLVANIRAGDTATANVDKWDPATWPLQAKGVGTVAAPRGALGHWIRIKDGRIENYQCVVPTTWNGSPR
DYKGQIGAFEASLMNTPMVNPEQPVEILRTLHSFDPCLACSTH
;
L
2 'polypeptide(L)'
;METKPRTPVLWLHGLECTCCSESFIRSAHPLAKDVVLSMISLDYDDTLMAAAGHQAEAILEEIMTKYKGNYILAVEGNPP
LNQDGMSCIIGGRPFIEQLKYVAKDAKAIISWGSCASWGGVQAAKPNPTQATPVHKVITDKPIIKVPGCPPIAEVMTGVI
TYMLTFDRIPELDRQGRPKMFYSQRIHDKCYRRPHFDAGQFVEEWDDESARKGFCLYKMGCKGPTTYNACSTTRWNEGTS
FPIQSGHGCIGCSEDGFWDKGSFYDRLTGISQFGVEANADKIGGTASVVVGAAVTAHAAASAIKRASKKNETSGSEHRSA
WSHPQFEK
;
S
#
loop_
_chem_comp.id
_chem_comp.type
_chem_comp.name
_chem_comp.formula
35L non-polymer 'IRON/SULFUR CLUSTER' 'Fe4 S4'
CL non-polymer 'CHLORIDE ION' 'Cl -1'
F3S non-polymer 'FE3-S4 CLUSTER' 'Fe3 S4'
F4S non-polymer 'FE4-S3 CLUSTER' 'Fe4 S3'
MG non-polymer 'MAGNESIUM ION' 'Mg 2'
NFU non-polymer formyl[bis(hydrocyanato-1kappaC)]ironnickel(Fe-Ni) 'C3 H Fe N2 Ni O'
SF4 non-polymer 'IRON/SULFUR CLUSTER' 'Fe4 S4'
#
# COMPACT_ATOMS: atom_id res chain seq x y z
N SER A 2 26.24 8.99 20.37
CA SER A 2 26.31 10.36 20.93
C SER A 2 26.01 11.37 19.81
N ALA A 3 26.65 12.54 19.83
CA ALA A 3 26.46 13.54 18.79
C ALA A 3 27.42 13.32 17.62
N TYR A 4 26.89 13.33 16.40
CA TYR A 4 27.74 13.40 15.22
C TYR A 4 27.04 14.11 14.07
N ALA A 5 27.84 14.57 13.12
CA ALA A 5 27.36 15.30 11.97
C ALA A 5 27.39 14.39 10.75
N THR A 6 26.32 14.43 9.96
CA THR A 6 26.26 13.69 8.71
C THR A 6 25.26 14.37 7.77
N GLN A 7 25.67 14.53 6.50
CA GLN A 7 24.80 15.07 5.44
C GLN A 7 24.22 16.46 5.76
N GLY A 8 25.00 17.28 6.47
CA GLY A 8 24.57 18.61 6.88
C GLY A 8 23.67 18.64 8.11
N PHE A 9 23.39 17.48 8.70
CA PHE A 9 22.60 17.37 9.92
C PHE A 9 23.50 17.14 11.11
N ASN A 10 23.23 17.86 12.20
CA ASN A 10 23.92 17.67 13.46
C ASN A 10 23.03 16.82 14.37
N LEU A 11 23.31 15.53 14.43
CA LEU A 11 22.54 14.59 15.27
C LEU A 11 22.99 14.72 16.70
N ASP A 12 22.04 14.71 17.62
CA ASP A 12 22.35 14.82 19.04
C ASP A 12 21.28 14.06 19.83
N ASP A 13 21.71 13.08 20.62
CA ASP A 13 20.78 12.23 21.37
C ASP A 13 20.76 12.53 22.88
N ARG A 14 21.25 13.71 23.28
CA ARG A 14 21.33 14.08 24.69
CA ARG A 14 21.32 14.10 24.69
C ARG A 14 20.00 14.61 25.24
N GLY A 15 19.12 15.04 24.34
CA GLY A 15 17.85 15.61 24.74
C GLY A 15 16.82 14.58 25.18
N ARG A 16 15.59 15.05 25.37
CA ARG A 16 14.51 14.21 25.86
C ARG A 16 14.10 13.21 24.80
N ARG A 17 14.02 11.94 25.20
CA ARG A 17 13.69 10.85 24.30
C ARG A 17 12.18 10.66 24.27
N ILE A 18 11.63 10.59 23.06
CA ILE A 18 10.19 10.38 22.84
C ILE A 18 10.02 9.14 21.98
N VAL A 19 9.07 8.29 22.33
CA VAL A 19 8.81 7.04 21.62
C VAL A 19 7.40 7.05 21.03
N VAL A 20 7.29 6.67 19.76
CA VAL A 20 5.99 6.50 19.08
C VAL A 20 5.92 5.07 18.54
N ASP A 21 5.22 4.20 19.27
CA ASP A 21 5.08 2.80 18.91
C ASP A 21 3.75 2.28 19.44
N PRO A 22 2.79 1.99 18.56
CA PRO A 22 2.87 1.98 17.09
C PRO A 22 2.70 3.35 16.44
N VAL A 23 3.39 3.54 15.32
CA VAL A 23 3.07 4.60 14.38
C VAL A 23 1.83 4.12 13.63
N THR A 24 0.73 4.84 13.74
CA THR A 24 -0.52 4.44 13.13
C THR A 24 -0.73 5.22 11.83
N ARG A 25 -1.81 4.89 11.14
CA ARG A 25 -2.12 5.45 9.81
C ARG A 25 -0.93 5.33 8.85
N ILE A 26 -0.37 4.12 8.85
CA ILE A 26 0.58 3.67 7.85
C ILE A 26 0.15 2.26 7.49
N GLU A 27 0.81 1.67 6.50
CA GLU A 27 0.67 0.23 6.27
C GLU A 27 1.75 -0.45 7.08
N GLY A 28 1.38 -1.49 7.81
CA GLY A 28 2.34 -2.30 8.54
C GLY A 28 2.77 -1.69 9.85
N HIS A 29 3.96 -2.07 10.29
CA HIS A 29 4.41 -1.80 11.66
C HIS A 29 5.68 -0.99 11.68
N MET A 30 5.64 0.12 12.40
CA MET A 30 6.80 0.98 12.59
C MET A 30 6.86 1.51 14.00
N ARG A 31 8.09 1.66 14.49
CA ARG A 31 8.41 2.37 15.71
C ARG A 31 9.27 3.57 15.33
N CYS A 32 8.97 4.72 15.93
CA CYS A 32 9.80 5.91 15.74
C CYS A 32 10.20 6.43 17.11
N GLU A 33 11.48 6.80 17.24
CA GLU A 33 11.96 7.49 18.44
C GLU A 33 12.69 8.75 18.02
N VAL A 34 12.52 9.81 18.80
CA VAL A 34 13.26 11.04 18.58
C VAL A 34 13.83 11.54 19.89
N ASN A 35 14.81 12.44 19.78
CA ASN A 35 15.24 13.25 20.90
C ASN A 35 14.92 14.70 20.59
N VAL A 36 14.40 15.41 21.58
CA VAL A 36 14.09 16.84 21.44
C VAL A 36 14.94 17.70 22.37
N ASP A 37 15.29 18.89 21.91
CA ASP A 37 16.13 19.80 22.71
C ASP A 37 15.29 20.59 23.71
N ALA A 38 15.92 21.57 24.38
CA ALA A 38 15.27 22.36 25.42
C ALA A 38 14.02 23.11 24.94
N ASN A 39 13.92 23.32 23.63
CA ASN A 39 12.78 24.03 23.05
C ASN A 39 11.90 23.12 22.19
N ASN A 40 11.89 21.83 22.51
CA ASN A 40 11.06 20.84 21.82
C ASN A 40 11.38 20.62 20.33
N VAL A 41 12.60 20.94 19.91
CA VAL A 41 13.00 20.71 18.53
C VAL A 41 13.67 19.36 18.40
N ILE A 42 13.26 18.59 17.39
CA ILE A 42 13.83 17.28 17.13
C ILE A 42 15.29 17.42 16.68
N ARG A 43 16.18 16.75 17.39
CA ARG A 43 17.61 16.80 17.09
C ARG A 43 18.20 15.42 16.81
N ASN A 44 17.36 14.40 16.87
CA ASN A 44 17.74 13.03 16.54
C ASN A 44 16.46 12.29 16.19
N ALA A 45 16.53 11.38 15.22
CA ALA A 45 15.37 10.61 14.83
C ALA A 45 15.79 9.20 14.44
N VAL A 46 14.96 8.24 14.81
CA VAL A 46 15.26 6.82 14.68
C VAL A 46 14.07 6.10 14.06
N SER A 47 14.31 5.50 12.88
CA SER A 47 13.29 4.77 12.15
C SER A 47 13.47 3.27 12.36
N THR A 48 12.46 2.61 12.93
CA THR A 48 12.51 1.18 13.18
C THR A 48 11.36 0.46 12.49
N GLY A 49 11.69 -0.38 11.51
CA GLY A 49 10.72 -1.30 10.90
C GLY A 49 10.53 -2.47 11.85
N THR A 50 9.29 -2.67 12.32
CA THR A 50 9.00 -3.64 13.39
C THR A 50 8.31 -4.93 12.90
N MET A 51 8.53 -5.30 11.64
CA MET A 51 7.99 -6.55 11.11
C MET A 51 8.91 -7.13 10.05
N TRP A 52 8.89 -8.45 9.93
CA TRP A 52 9.57 -9.14 8.83
C TRP A 52 8.85 -10.45 8.54
N ARG A 53 8.72 -10.80 7.27
CA ARG A 53 8.09 -12.06 6.86
C ARG A 53 9.03 -13.02 6.10
N GLY A 54 9.99 -12.49 5.35
CA GLY A 54 10.97 -13.31 4.65
C GLY A 54 10.55 -13.85 3.29
N LEU A 55 9.87 -13.02 2.47
CA LEU A 55 9.49 -13.44 1.12
C LEU A 55 10.67 -13.86 0.25
N GLU A 56 11.80 -13.19 0.42
CA GLU A 56 12.99 -13.49 -0.36
C GLU A 56 13.47 -14.92 -0.09
N VAL A 57 13.37 -15.34 1.16
CA VAL A 57 13.75 -16.69 1.58
C VAL A 57 12.74 -17.73 1.06
N ILE A 58 11.46 -17.41 1.20
CA ILE A 58 10.36 -18.27 0.78
C ILE A 58 10.40 -18.58 -0.72
N LEU A 59 10.84 -17.61 -1.53
CA LEU A 59 10.86 -17.79 -2.99
C LEU A 59 11.90 -18.80 -3.50
N LYS A 60 12.96 -19.03 -2.74
CA LYS A 60 14.05 -19.92 -3.15
CA LYS A 60 14.04 -19.91 -3.19
C LYS A 60 13.50 -21.27 -3.62
N GLY A 61 13.90 -21.71 -4.81
CA GLY A 61 13.54 -23.03 -5.32
C GLY A 61 12.23 -23.14 -6.07
N ARG A 62 11.43 -22.08 -6.03
CA ARG A 62 10.11 -22.10 -6.68
C ARG A 62 10.23 -21.76 -8.16
N ASP A 63 9.12 -21.85 -8.88
CA ASP A 63 9.06 -21.58 -10.32
C ASP A 63 8.97 -20.06 -10.54
N PRO A 64 9.86 -19.50 -11.41
CA PRO A 64 9.80 -18.06 -11.67
C PRO A 64 8.43 -17.57 -12.16
N ARG A 65 7.68 -18.43 -12.85
CA ARG A 65 6.35 -18.06 -13.34
C ARG A 65 5.32 -17.86 -12.21
N ASP A 66 5.57 -18.46 -11.05
CA ASP A 66 4.70 -18.34 -9.88
C ASP A 66 5.06 -17.14 -8.99
N ALA A 67 6.26 -16.59 -9.18
CA ALA A 67 6.80 -15.62 -8.24
C ALA A 67 5.90 -14.40 -8.04
N TRP A 68 5.30 -13.91 -9.13
CA TRP A 68 4.51 -12.68 -9.07
C TRP A 68 3.42 -12.76 -7.99
N ALA A 69 2.81 -13.94 -7.83
CA ALA A 69 1.68 -14.11 -6.90
C ALA A 69 2.16 -14.09 -5.45
N PHE A 70 3.34 -14.67 -5.19
CA PHE A 70 3.96 -14.60 -3.86
C PHE A 70 4.32 -13.16 -3.51
N VAL A 71 5.07 -12.51 -4.38
CA VAL A 71 5.54 -11.15 -4.07
C VAL A 71 4.44 -10.10 -4.12
N GLU A 72 3.35 -10.38 -4.84
CA GLU A 72 2.20 -9.47 -4.80
C GLU A 72 1.74 -9.31 -3.35
N ARG A 73 1.82 -10.39 -2.58
CA ARG A 73 1.41 -10.42 -1.17
C ARG A 73 2.42 -9.78 -0.20
N ILE A 74 3.48 -9.16 -0.74
CA ILE A 74 4.27 -8.24 0.05
C ILE A 74 3.38 -7.12 0.56
N CYS A 75 2.40 -6.69 -0.23
CA CYS A 75 1.58 -5.54 0.14
C CYS A 75 0.24 -5.48 -0.59
N GLY A 76 -0.83 -5.35 0.20
CA GLY A 76 -2.18 -5.23 -0.32
C GLY A 76 -2.63 -3.80 -0.58
N VAL A 77 -1.79 -2.83 -0.16
CA VAL A 77 -2.03 -1.43 -0.44
C VAL A 77 -1.47 -1.07 -1.81
N CYS A 78 -0.18 -1.30 -2.02
CA CYS A 78 0.43 -1.11 -3.34
C CYS A 78 0.26 -2.40 -4.15
N THR A 79 -0.99 -2.83 -4.24
CA THR A 79 -1.34 -4.15 -4.75
C THR A 79 -1.14 -4.24 -6.25
N GLY A 80 -0.29 -5.17 -6.67
CA GLY A 80 0.03 -5.37 -8.08
C GLY A 80 1.38 -4.83 -8.54
N CYS A 81 1.91 -3.82 -7.84
CA CYS A 81 3.19 -3.24 -8.28
CA CYS A 81 3.22 -3.23 -8.18
C CYS A 81 4.32 -4.27 -8.17
N HIS A 82 4.29 -5.11 -7.13
CA HIS A 82 5.27 -6.19 -6.98
C HIS A 82 5.08 -7.28 -8.04
N ALA A 83 3.83 -7.55 -8.39
CA ALA A 83 3.53 -8.51 -9.43
C ALA A 83 4.12 -8.03 -10.75
N LEU A 84 3.93 -6.74 -11.04
CA LEU A 84 4.49 -6.12 -12.23
C LEU A 84 6.02 -6.17 -12.26
N ALA A 85 6.65 -5.83 -11.14
CA ALA A 85 8.10 -5.91 -11.03
C ALA A 85 8.59 -7.34 -11.29
N SER A 86 7.86 -8.31 -10.76
CA SER A 86 8.24 -9.72 -10.85
C SER A 86 8.17 -10.23 -12.27
N VAL A 87 7.04 -10.02 -12.93
CA VAL A 87 6.90 -10.48 -14.32
C VAL A 87 7.90 -9.76 -15.22
N ARG A 88 8.16 -8.48 -14.98
CA ARG A 88 9.18 -7.75 -15.73
C ARG A 88 10.58 -8.34 -15.52
N ALA A 89 10.89 -8.71 -14.27
CA ALA A 89 12.20 -9.29 -13.94
C ALA A 89 12.38 -10.65 -14.63
N VAL A 90 11.33 -11.47 -14.61
CA VAL A 90 11.37 -12.79 -15.27
C VAL A 90 11.46 -12.64 -16.78
N GLU A 91 10.67 -11.72 -17.34
CA GLU A 91 10.73 -11.43 -18.78
C GLU A 91 12.11 -10.92 -19.21
N ASN A 92 12.72 -10.11 -18.37
CA ASN A 92 14.08 -9.61 -18.60
C ASN A 92 15.11 -10.75 -18.58
N ALA A 93 14.99 -11.64 -17.59
CA ALA A 93 15.88 -12.78 -17.47
C ALA A 93 15.80 -13.72 -18.67
N LEU A 94 14.60 -13.89 -19.21
CA LEU A 94 14.36 -14.86 -20.28
C LEU A 94 14.21 -14.25 -21.68
N ASP A 95 14.46 -12.94 -21.79
CA ASP A 95 14.35 -12.21 -23.07
CA ASP A 95 14.36 -12.22 -23.08
C ASP A 95 12.98 -12.40 -23.71
N ILE A 96 11.93 -12.13 -22.93
CA ILE A 96 10.55 -12.18 -23.39
C ILE A 96 10.08 -10.75 -23.63
N ARG A 97 9.59 -10.49 -24.83
CA ARG A 97 8.93 -9.21 -25.13
C ARG A 97 7.43 -9.42 -25.17
N ILE A 98 6.71 -8.66 -24.36
CA ILE A 98 5.24 -8.79 -24.31
C ILE A 98 4.58 -7.99 -25.43
N PRO A 99 3.40 -8.44 -25.89
CA PRO A 99 2.69 -7.70 -26.93
C PRO A 99 2.14 -6.36 -26.44
N LYS A 100 1.85 -5.48 -27.40
CA LYS A 100 1.44 -4.10 -27.15
C LYS A 100 0.23 -4.00 -26.21
N ASN A 101 -0.79 -4.82 -26.45
CA ASN A 101 -1.98 -4.76 -25.60
C ASN A 101 -1.69 -5.11 -24.14
N ALA A 102 -0.78 -6.06 -23.91
CA ALA A 102 -0.38 -6.42 -22.56
C ALA A 102 0.36 -5.28 -21.89
N HIS A 103 1.25 -4.64 -22.64
CA HIS A 103 1.94 -3.45 -22.16
C HIS A 103 0.95 -2.38 -21.73
N LEU A 104 -0.01 -2.05 -22.58
CA LEU A 104 -0.97 -0.98 -22.29
C LEU A 104 -1.91 -1.32 -21.12
N ILE A 105 -2.34 -2.58 -21.05
CA ILE A 105 -3.18 -3.05 -19.94
C ILE A 105 -2.41 -2.99 -18.62
N ARG A 106 -1.15 -3.42 -18.61
CA ARG A 106 -0.32 -3.27 -17.43
C ARG A 106 -0.15 -1.81 -17.01
N GLU A 107 0.05 -0.91 -17.97
CA GLU A 107 0.22 0.51 -17.68
C GLU A 107 -1.06 1.09 -17.07
N ILE A 108 -2.20 0.68 -17.61
CA ILE A 108 -3.50 1.14 -17.09
C ILE A 108 -3.71 0.64 -15.66
N MET A 109 -3.37 -0.62 -15.40
CA MET A 109 -3.46 -1.17 -14.05
C MET A 109 -2.51 -0.45 -13.09
N ALA A 110 -1.30 -0.14 -13.55
CA ALA A 110 -0.31 0.56 -12.74
C ALA A 110 -0.79 1.96 -12.38
N LYS A 111 -1.33 2.68 -13.36
CA LYS A 111 -1.77 4.06 -13.15
C LYS A 111 -3.07 4.12 -12.32
N THR A 112 -3.92 3.11 -12.44
CA THR A 112 -5.09 2.96 -11.56
C THR A 112 -4.64 2.79 -10.11
N LEU A 113 -3.62 1.95 -9.88
CA LEU A 113 -3.08 1.77 -8.54
C LEU A 113 -2.53 3.08 -7.99
N GLN A 114 -1.79 3.83 -8.80
CA GLN A 114 -1.23 5.11 -8.38
C GLN A 114 -2.32 6.03 -7.86
N VAL A 115 -3.40 6.15 -8.64
CA VAL A 115 -4.49 7.05 -8.27
C VAL A 115 -5.17 6.58 -6.99
N HIS A 116 -5.51 5.30 -6.93
CA HIS A 116 -6.24 4.77 -5.77
C HIS A 116 -5.40 4.93 -4.51
N ASP A 117 -4.15 4.50 -4.62
CA ASP A 117 -3.22 4.52 -3.51
C ASP A 117 -3.00 5.96 -3.03
N HIS A 118 -2.73 6.88 -3.95
CA HIS A 118 -2.46 8.28 -3.58
C HIS A 118 -3.66 8.97 -2.91
N ALA A 119 -4.83 8.86 -3.54
CA ALA A 119 -6.04 9.51 -3.02
C ALA A 119 -6.46 8.93 -1.66
N VAL A 120 -6.45 7.61 -1.53
CA VAL A 120 -6.76 6.98 -0.24
C VAL A 120 -5.74 7.37 0.82
N HIS A 121 -4.46 7.40 0.44
CA HIS A 121 -3.46 7.80 1.41
C HIS A 121 -3.75 9.19 1.94
N PHE A 122 -3.99 10.14 1.03
CA PHE A 122 -4.12 11.52 1.49
C PHE A 122 -5.34 11.66 2.40
N TYR A 123 -6.49 11.16 1.96
CA TYR A 123 -7.71 11.35 2.75
C TYR A 123 -7.75 10.49 4.01
N HIS A 124 -7.45 9.20 3.88
CA HIS A 124 -7.74 8.27 4.98
C HIS A 124 -6.59 8.05 5.95
N LEU A 125 -5.37 8.36 5.53
CA LEU A 125 -4.21 8.22 6.40
C LEU A 125 -3.58 9.56 6.77
N HIS A 126 -3.47 10.48 5.81
CA HIS A 126 -2.69 11.70 6.02
C HIS A 126 -3.51 12.88 6.54
N ALA A 127 -4.75 13.00 6.09
CA ALA A 127 -5.53 14.21 6.31
C ALA A 127 -5.67 14.59 7.79
N LEU A 128 -5.83 13.58 8.66
CA LEU A 128 -6.00 13.83 10.11
C LEU A 128 -4.76 14.42 10.79
N ASP A 129 -3.65 14.54 10.07
CA ASP A 129 -2.46 15.27 10.56
C ASP A 129 -2.54 16.76 10.26
N TRP A 130 -3.40 17.13 9.30
CA TRP A 130 -3.60 18.53 8.90
C TRP A 130 -4.97 19.06 9.31
N VAL A 131 -5.93 18.14 9.50
CA VAL A 131 -7.34 18.45 9.70
C VAL A 131 -7.78 18.06 11.10
N ASP A 132 -8.42 19.00 11.82
CA ASP A 132 -8.99 18.76 13.14
C ASP A 132 -10.49 18.49 12.96
N VAL A 133 -10.88 17.23 13.14
CA VAL A 133 -12.27 16.81 12.94
CA VAL A 133 -12.26 16.78 12.97
C VAL A 133 -13.22 17.48 13.94
N MET A 134 -12.75 17.74 15.16
CA MET A 134 -13.58 18.40 16.18
C MET A 134 -13.83 19.87 15.83
N SER A 135 -12.85 20.51 15.20
CA SER A 135 -13.03 21.88 14.70
C SER A 135 -14.10 21.96 13.60
N ALA A 136 -14.18 20.92 12.77
CA ALA A 136 -15.22 20.82 11.73
C ALA A 136 -16.64 20.90 12.29
N LEU A 137 -16.82 20.44 13.54
CA LEU A 137 -18.12 20.57 14.23
C LEU A 137 -18.54 22.02 14.50
N LYS A 138 -17.56 22.92 14.58
N LYS A 138 -17.56 22.92 14.60
CA LYS A 138 -17.81 24.33 14.83
CA LYS A 138 -17.81 24.34 14.83
C LYS A 138 -18.05 25.15 13.56
C LYS A 138 -18.10 25.14 13.55
N ALA A 139 -17.81 24.56 12.39
CA ALA A 139 -17.90 25.27 11.12
C ALA A 139 -19.30 25.76 10.77
N ASP A 140 -19.36 26.93 10.13
CA ASP A 140 -20.60 27.43 9.55
C ASP A 140 -20.77 26.79 8.19
N PRO A 141 -21.90 26.08 7.96
CA PRO A 141 -22.10 25.42 6.68
C PRO A 141 -22.13 26.36 5.46
N LYS A 142 -22.62 27.58 5.65
CA LYS A 142 -22.70 28.57 4.56
C LYS A 142 -21.29 29.03 4.16
N ARG A 143 -20.46 29.34 5.15
CA ARG A 143 -19.07 29.74 4.87
C ARG A 143 -18.22 28.57 4.33
N THR A 144 -18.59 27.34 4.68
CA THR A 144 -17.94 26.15 4.12
C THR A 144 -18.29 26.00 2.64
N SER A 145 -19.56 26.24 2.30
CA SER A 145 -20.00 26.27 0.90
C SER A 145 -19.23 27.33 0.10
N GLU A 146 -19.05 28.50 0.69
CA GLU A 146 -18.32 29.59 0.03
C GLU A 146 -16.86 29.22 -0.17
N LEU A 147 -16.26 28.56 0.82
CA LEU A 147 -14.88 28.10 0.71
C LEU A 147 -14.74 27.07 -0.42
N GLN A 148 -15.65 26.09 -0.44
CA GLN A 148 -15.65 25.04 -1.45
C GLN A 148 -15.68 25.63 -2.87
N GLN A 149 -16.55 26.62 -3.08
CA GLN A 149 -16.68 27.25 -4.39
C GLN A 149 -15.43 28.06 -4.78
N LEU A 150 -14.69 28.56 -3.80
CA LEU A 150 -13.40 29.22 -4.06
C LEU A 150 -12.29 28.20 -4.32
N VAL A 151 -12.23 27.15 -3.50
CA VAL A 151 -11.20 26.12 -3.62
C VAL A 151 -11.35 25.32 -4.90
N SER A 152 -12.58 24.99 -5.27
CA SER A 152 -12.82 24.19 -6.48
C SER A 152 -14.18 24.51 -7.09
N PRO A 153 -14.23 25.53 -7.97
CA PRO A 153 -15.49 25.98 -8.59
C PRO A 153 -16.29 24.88 -9.30
N ALA A 154 -15.62 23.91 -9.89
CA ALA A 154 -16.28 22.87 -10.70
C ALA A 154 -16.88 21.72 -9.89
N HIS A 155 -16.48 21.55 -8.64
CA HIS A 155 -17.01 20.44 -7.82
C HIS A 155 -18.49 20.66 -7.51
N PRO A 156 -19.38 19.76 -8.00
CA PRO A 156 -20.82 20.01 -7.84
C PRO A 156 -21.36 19.95 -6.40
N LEU A 157 -20.72 19.15 -5.54
CA LEU A 157 -21.18 18.98 -4.15
C LEU A 157 -20.68 20.13 -3.28
N SER A 158 -21.43 21.23 -3.27
CA SER A 158 -20.97 22.48 -2.65
C SER A 158 -22.00 23.28 -1.85
N SER A 159 -23.25 22.84 -1.80
CA SER A 159 -24.31 23.61 -1.14
C SER A 159 -24.17 23.61 0.37
N ALA A 160 -24.69 24.66 1.00
CA ALA A 160 -24.68 24.78 2.46
C ALA A 160 -25.41 23.62 3.13
N GLY A 161 -26.54 23.22 2.54
CA GLY A 161 -27.33 22.09 3.05
C GLY A 161 -26.57 20.77 3.05
N TYR A 162 -25.81 20.52 1.99
CA TYR A 162 -24.97 19.32 1.89
C TYR A 162 -23.95 19.27 3.03
N PHE A 163 -23.22 20.38 3.22
CA PHE A 163 -22.23 20.47 4.29
C PHE A 163 -22.86 20.40 5.68
N ARG A 164 -24.08 20.91 5.81
CA ARG A 164 -24.83 20.85 7.08
C ARG A 164 -25.19 19.40 7.43
N ASP A 165 -25.67 18.64 6.44
CA ASP A 165 -25.99 17.23 6.63
C ASP A 165 -24.78 16.40 7.06
N ILE A 166 -23.64 16.65 6.41
CA ILE A 166 -22.41 15.94 6.73
C ILE A 166 -21.97 16.30 8.15
N GLN A 167 -22.03 17.59 8.47
CA GLN A 167 -21.70 18.07 9.80
C GLN A 167 -22.57 17.42 10.87
N ASN A 168 -23.88 17.35 10.62
CA ASN A 168 -24.82 16.75 11.57
C ASN A 168 -24.58 15.26 11.81
N ARG A 169 -24.16 14.55 10.77
CA ARG A 169 -23.83 13.13 10.94
C ARG A 169 -22.57 12.97 11.81
N LEU A 170 -21.59 13.83 11.59
CA LEU A 170 -20.37 13.86 12.40
C LEU A 170 -20.71 14.20 13.86
N LYS A 171 -21.56 15.21 14.03
CA LYS A 171 -22.01 15.64 15.36
CA LYS A 171 -22.02 15.63 15.37
C LYS A 171 -22.65 14.49 16.14
N ARG A 172 -23.58 13.79 15.50
CA ARG A 172 -24.27 12.66 16.13
C ARG A 172 -23.31 11.51 16.48
N PHE A 173 -22.37 11.23 15.58
CA PHE A 173 -21.34 10.21 15.79
C PHE A 173 -20.49 10.54 17.02
N VAL A 174 -20.03 11.80 17.08
CA VAL A 174 -19.20 12.25 18.19
C VAL A 174 -19.99 12.28 19.50
N GLU A 175 -21.22 12.80 19.45
CA GLU A 175 -22.09 12.88 20.63
C GLU A 175 -22.53 11.51 21.19
N SER A 176 -22.35 10.45 20.41
CA SER A 176 -22.65 9.09 20.89
C SER A 176 -21.71 8.64 22.01
N GLY A 177 -20.54 9.25 22.10
CA GLY A 177 -19.52 8.86 23.07
C GLY A 177 -18.59 7.78 22.54
N GLN A 178 -18.92 7.22 21.38
CA GLN A 178 -18.10 6.21 20.75
C GLN A 178 -17.45 6.85 19.52
N LEU A 179 -16.26 7.41 19.72
CA LEU A 179 -15.59 8.19 18.67
C LEU A 179 -14.86 7.33 17.63
N GLY A 180 -14.72 6.03 17.89
CA GLY A 180 -14.11 5.11 16.93
C GLY A 180 -12.73 5.55 16.49
N PRO A 181 -12.51 5.74 15.17
CA PRO A 181 -11.20 6.17 14.67
C PRO A 181 -10.72 7.54 15.17
N PHE A 182 -11.61 8.34 15.77
CA PHE A 182 -11.24 9.65 16.30
C PHE A 182 -10.94 9.66 17.80
N MET A 183 -11.07 8.50 18.43
CA MET A 183 -10.84 8.33 19.87
C MET A 183 -9.40 8.68 20.27
N ASN A 184 -9.23 9.40 21.38
CA ASN A 184 -7.90 9.80 21.88
C ASN A 184 -7.03 10.58 20.88
N GLY A 185 -7.67 11.28 19.94
CA GLY A 185 -6.94 12.04 18.92
C GLY A 185 -6.32 13.28 19.52
N TYR A 186 -5.59 14.04 18.71
CA TYR A 186 -4.84 15.20 19.19
C TYR A 186 -5.57 16.52 18.90
N TRP A 187 -6.89 16.40 18.80
CA TRP A 187 -7.77 17.51 18.43
C TRP A 187 -7.54 18.67 19.38
N GLY A 188 -7.55 19.88 18.83
CA GLY A 188 -7.34 21.08 19.63
C GLY A 188 -5.88 21.48 19.79
N SER A 189 -4.95 20.65 19.31
CA SER A 189 -3.54 20.99 19.36
C SER A 189 -3.28 22.26 18.56
N LYS A 190 -2.38 23.10 19.05
CA LYS A 190 -1.98 24.31 18.33
CA LYS A 190 -1.98 24.31 18.33
C LYS A 190 -1.23 23.97 17.03
N ALA A 191 -0.84 22.70 16.86
CA ALA A 191 -0.22 22.26 15.60
C ALA A 191 -1.21 22.30 14.43
N TYR A 192 -2.51 22.27 14.74
CA TYR A 192 -3.58 22.42 13.74
C TYR A 192 -3.84 23.90 13.50
N VAL A 193 -3.79 24.32 12.24
CA VAL A 193 -3.96 25.74 11.88
C VAL A 193 -5.17 26.06 11.01
N LEU A 194 -5.86 25.07 10.47
CA LEU A 194 -6.97 25.33 9.55
C LEU A 194 -8.16 25.95 10.27
N PRO A 195 -8.91 26.83 9.59
CA PRO A 195 -10.15 27.31 10.14
C PRO A 195 -11.23 26.21 10.08
N PRO A 196 -12.28 26.31 10.93
CA PRO A 196 -13.34 25.30 10.98
C PRO A 196 -13.92 24.90 9.62
N GLU A 197 -14.09 25.87 8.73
CA GLU A 197 -14.70 25.64 7.43
C GLU A 197 -13.84 24.73 6.55
N ALA A 198 -12.51 24.95 6.59
CA ALA A 198 -11.58 24.10 5.86
C ALA A 198 -11.59 22.67 6.40
N ASN A 199 -11.68 22.54 7.73
CA ASN A 199 -11.78 21.24 8.37
C ASN A 199 -13.04 20.49 7.93
N LEU A 200 -14.18 21.18 7.91
CA LEU A 200 -15.43 20.55 7.48
C LEU A 200 -15.37 20.15 6.01
N MET A 201 -14.84 21.03 5.15
CA MET A 201 -14.65 20.70 3.74
C MET A 201 -13.82 19.41 3.58
N ALA A 202 -12.71 19.32 4.30
CA ALA A 202 -11.80 18.18 4.20
C ALA A 202 -12.43 16.87 4.70
N VAL A 203 -13.12 16.93 5.84
CA VAL A 203 -13.82 15.76 6.39
C VAL A 203 -14.91 15.30 5.42
N THR A 204 -15.57 16.25 4.78
CA THR A 204 -16.59 15.93 3.77
C THR A 204 -15.96 15.13 2.62
N HIS A 205 -14.81 15.58 2.14
CA HIS A 205 -14.11 14.91 1.06
C HIS A 205 -13.53 13.55 1.48
N TYR A 206 -13.15 13.43 2.76
CA TYR A 206 -12.74 12.14 3.36
C TYR A 206 -13.85 11.12 3.15
N LEU A 207 -15.09 11.52 3.45
CA LEU A 207 -16.24 10.64 3.28
C LEU A 207 -16.57 10.37 1.81
N GLU A 208 -16.48 11.41 0.97
CA GLU A 208 -16.68 11.21 -0.48
C GLU A 208 -15.67 10.23 -1.06
N ALA A 209 -14.39 10.40 -0.70
CA ALA A 209 -13.32 9.55 -1.21
C ALA A 209 -13.46 8.10 -0.75
N LEU A 210 -13.91 7.89 0.49
CA LEU A 210 -14.12 6.53 1.00
C LEU A 210 -15.15 5.75 0.18
N ASP A 211 -16.21 6.44 -0.26
CA ASP A 211 -17.24 5.83 -1.11
C ASP A 211 -16.76 5.64 -2.57
N LEU A 212 -16.03 6.62 -3.11
CA LEU A 212 -15.61 6.59 -4.52
C LEU A 212 -14.45 5.64 -4.83
N GLN A 213 -13.55 5.45 -3.87
CA GLN A 213 -12.33 4.67 -4.13
C GLN A 213 -12.62 3.24 -4.58
N LYS A 214 -13.75 2.69 -4.13
CA LYS A 214 -14.13 1.32 -4.49
C LYS A 214 -14.51 1.18 -5.96
N GLU A 215 -14.93 2.29 -6.58
CA GLU A 215 -15.27 2.28 -8.01
C GLU A 215 -14.01 2.23 -8.87
N TRP A 216 -12.98 2.99 -8.51
CA TRP A 216 -11.76 3.10 -9.32
C TRP A 216 -11.09 1.75 -9.54
N VAL A 217 -11.04 0.93 -8.49
CA VAL A 217 -10.36 -0.37 -8.56
C VAL A 217 -11.08 -1.40 -9.43
N LYS A 218 -12.31 -1.13 -9.87
CA LYS A 218 -13.00 -2.02 -10.79
C LYS A 218 -12.25 -2.18 -12.12
N ILE A 219 -11.37 -1.23 -12.43
CA ILE A 219 -10.43 -1.38 -13.56
C ILE A 219 -9.52 -2.60 -13.37
N HIS A 220 -8.95 -2.73 -12.17
CA HIS A 220 -8.17 -3.92 -11.80
C HIS A 220 -9.00 -5.19 -11.91
N THR A 221 -10.25 -5.11 -11.47
CA THR A 221 -11.14 -6.26 -11.45
C THR A 221 -11.41 -6.75 -12.87
N ILE A 222 -11.60 -5.82 -13.80
CA ILE A 222 -11.83 -6.22 -15.19
C ILE A 222 -10.60 -6.92 -15.77
N PHE A 223 -9.44 -6.30 -15.63
CA PHE A 223 -8.23 -6.84 -16.27
C PHE A 223 -7.56 -7.95 -15.47
N GLY A 224 -7.71 -7.94 -14.15
CA GLY A 224 -6.99 -8.86 -13.26
C GLY A 224 -7.85 -9.68 -12.30
N GLY A 225 -9.17 -9.62 -12.47
CA GLY A 225 -10.08 -10.54 -11.77
C GLY A 225 -10.57 -10.07 -10.41
N LYS A 226 -9.77 -9.27 -9.72
CA LYS A 226 -10.06 -8.88 -8.34
C LYS A 226 -9.15 -7.74 -7.87
N ASN A 227 -9.62 -7.02 -6.87
CA ASN A 227 -8.82 -6.07 -6.13
C ASN A 227 -9.25 -6.09 -4.68
N PRO A 228 -8.30 -6.22 -3.74
CA PRO A 228 -6.84 -6.36 -3.92
C PRO A 228 -6.34 -7.62 -4.63
N HIS A 229 -5.07 -7.57 -5.01
CA HIS A 229 -4.30 -8.70 -5.57
C HIS A 229 -4.79 -9.23 -6.92
N PRO A 230 -4.84 -8.34 -7.93
CA PRO A 230 -5.20 -8.77 -9.27
C PRO A 230 -4.17 -9.72 -9.86
N ASN A 231 -4.59 -10.58 -10.78
CA ASN A 231 -3.69 -11.52 -11.39
C ASN A 231 -2.84 -10.93 -12.53
N TYR A 232 -1.60 -11.39 -12.60
CA TYR A 232 -0.65 -11.02 -13.63
C TYR A 232 -0.18 -12.30 -14.34
N LEU A 233 0.72 -12.15 -15.30
CA LEU A 233 1.18 -13.29 -16.08
C LEU A 233 2.53 -13.01 -16.72
N VAL A 234 3.46 -13.95 -16.58
CA VAL A 234 4.73 -13.84 -17.29
C VAL A 234 4.46 -14.01 -18.79
N GLY A 235 4.80 -12.99 -19.56
CA GLY A 235 4.63 -13.03 -21.01
C GLY A 235 3.47 -12.19 -21.53
N GLY A 236 2.63 -11.67 -20.64
CA GLY A 236 1.54 -10.80 -21.07
C GLY A 236 0.49 -10.57 -20.01
N VAL A 237 -0.78 -10.66 -20.41
CA VAL A 237 -1.89 -10.58 -19.47
C VAL A 237 -2.85 -11.74 -19.73
N PRO A 238 -3.56 -12.21 -18.70
CA PRO A 238 -4.49 -13.32 -18.91
C PRO A 238 -5.84 -12.93 -19.55
N CYS A 239 -6.12 -11.64 -19.60
CA CYS A 239 -7.44 -11.16 -19.99
C CYS A 239 -7.56 -11.05 -21.51
N ALA A 240 -7.77 -12.20 -22.13
CA ALA A 240 -7.81 -12.32 -23.58
C ALA A 240 -8.95 -11.51 -24.19
N ILE A 241 -8.73 -11.06 -25.42
CA ILE A 241 -9.59 -10.09 -26.11
C ILE A 241 -10.42 -10.72 -27.24
N ASN A 242 -11.71 -10.38 -27.28
CA ASN A 242 -12.62 -10.78 -28.37
C ASN A 242 -13.79 -9.80 -28.44
N LEU A 243 -14.02 -9.19 -29.60
CA LEU A 243 -15.05 -8.13 -29.76
C LEU A 243 -16.35 -8.64 -30.36
N ASP A 244 -16.25 -9.54 -31.34
CA ASP A 244 -17.42 -10.08 -32.06
C ASP A 244 -18.23 -11.08 -31.24
N ALA A 248 -18.08 -13.10 -28.24
CA ALA A 248 -17.19 -12.12 -27.62
C ALA A 248 -17.54 -11.83 -26.17
N ALA A 249 -18.82 -11.97 -25.82
CA ALA A 249 -19.26 -11.75 -24.44
C ALA A 249 -18.67 -12.78 -23.47
N SER A 250 -18.09 -13.86 -24.01
CA SER A 250 -17.34 -14.84 -23.21
C SER A 250 -15.82 -14.72 -23.40
N ALA A 251 -15.35 -13.50 -23.68
CA ALA A 251 -13.93 -13.16 -23.55
C ALA A 251 -13.77 -12.25 -22.35
N PRO A 252 -12.64 -12.39 -21.63
CA PRO A 252 -12.36 -11.46 -20.54
C PRO A 252 -12.47 -9.99 -20.95
N VAL A 253 -12.00 -9.65 -22.15
CA VAL A 253 -12.04 -8.28 -22.62
C VAL A 253 -12.81 -8.19 -23.94
N ASN A 254 -13.86 -7.38 -23.92
CA ASN A 254 -14.65 -7.05 -25.10
C ASN A 254 -14.93 -5.55 -25.05
N MET A 255 -15.63 -5.02 -26.03
CA MET A 255 -15.85 -3.57 -26.09
C MET A 255 -16.66 -3.03 -24.90
N GLU A 256 -17.64 -3.80 -24.43
CA GLU A 256 -18.45 -3.38 -23.27
C GLU A 256 -17.57 -3.24 -22.03
N ARG A 257 -16.68 -4.20 -21.82
CA ARG A 257 -15.75 -4.13 -20.69
C ARG A 257 -14.82 -2.92 -20.82
N LEU A 258 -14.32 -2.67 -22.04
CA LEU A 258 -13.46 -1.50 -22.28
C LEU A 258 -14.20 -0.19 -22.05
N SER A 259 -15.46 -0.12 -22.49
CA SER A 259 -16.30 1.07 -22.23
C SER A 259 -16.48 1.30 -20.74
N PHE A 260 -16.66 0.22 -19.99
CA PHE A 260 -16.78 0.28 -18.53
C PHE A 260 -15.51 0.87 -17.93
N VAL A 261 -14.35 0.38 -18.38
CA VAL A 261 -13.06 0.90 -17.90
C VAL A 261 -12.93 2.41 -18.18
N LYS A 262 -13.31 2.83 -19.38
CA LYS A 262 -13.22 4.25 -19.75
C LYS A 262 -14.09 5.13 -18.84
N ALA A 263 -15.30 4.65 -18.54
CA ALA A 263 -16.19 5.35 -17.61
C ALA A 263 -15.55 5.55 -16.24
N ARG A 264 -14.82 4.54 -15.76
CA ARG A 264 -14.10 4.65 -14.48
C ARG A 264 -12.93 5.63 -14.57
N ILE A 265 -12.18 5.59 -15.68
CA ILE A 265 -11.08 6.53 -15.89
C ILE A 265 -11.56 7.98 -15.88
N ASP A 266 -12.68 8.22 -16.55
CA ASP A 266 -13.23 9.58 -16.61
C ASP A 266 -13.62 10.08 -15.22
N GLU A 267 -14.16 9.20 -14.38
CA GLU A 267 -14.51 9.55 -12.99
C GLU A 267 -13.27 9.93 -12.19
N ILE A 268 -12.21 9.16 -12.38
CA ILE A 268 -10.92 9.39 -11.75
C ILE A 268 -10.37 10.78 -12.10
N ILE A 269 -10.47 11.14 -13.38
CA ILE A 269 -9.95 12.42 -13.84
C ILE A 269 -10.70 13.57 -13.15
N GLU A 270 -12.01 13.43 -13.00
CA GLU A 270 -12.81 14.46 -12.34
C GLU A 270 -12.48 14.59 -10.85
N PHE A 271 -12.33 13.46 -10.16
CA PHE A 271 -11.98 13.50 -8.75
C PHE A 271 -10.63 14.17 -8.51
N ASN A 272 -9.62 13.78 -9.28
CA ASN A 272 -8.28 14.36 -9.12
C ASN A 272 -8.29 15.87 -9.35
N LYS A 273 -8.96 16.30 -10.42
CA LYS A 273 -9.00 17.70 -10.80
C LYS A 273 -9.89 18.55 -9.88
N ASN A 274 -11.01 17.99 -9.41
CA ASN A 274 -12.01 18.78 -8.66
C ASN A 274 -11.97 18.65 -7.14
N VAL A 275 -11.37 17.58 -6.63
CA VAL A 275 -11.38 17.31 -5.20
C VAL A 275 -9.97 17.25 -4.63
N TYR A 276 -9.17 16.31 -5.12
CA TYR A 276 -7.89 15.97 -4.50
C TYR A 276 -6.84 17.07 -4.68
N VAL A 277 -6.53 17.45 -5.91
CA VAL A 277 -5.51 18.48 -6.14
C VAL A 277 -5.88 19.83 -5.52
N PRO A 278 -7.14 20.28 -5.67
CA PRO A 278 -7.51 21.54 -5.02
C PRO A 278 -7.42 21.54 -3.49
N ASP A 279 -7.80 20.44 -2.84
CA ASP A 279 -7.68 20.34 -1.38
C ASP A 279 -6.23 20.43 -0.92
N VAL A 280 -5.35 19.75 -1.62
CA VAL A 280 -3.93 19.76 -1.25
C VAL A 280 -3.35 21.16 -1.47
N LEU A 281 -3.71 21.79 -2.58
CA LEU A 281 -3.28 23.16 -2.83
C LEU A 281 -3.75 24.11 -1.73
N ALA A 282 -5.02 23.98 -1.32
CA ALA A 282 -5.61 24.86 -0.30
C ALA A 282 -5.01 24.63 1.10
N ILE A 283 -4.95 23.37 1.52
CA ILE A 283 -4.36 23.02 2.81
C ILE A 283 -2.88 23.41 2.82
N GLY A 284 -2.17 23.11 1.73
CA GLY A 284 -0.76 23.48 1.59
C GLY A 284 -0.53 24.97 1.71
N THR A 285 -1.38 25.75 1.06
CA THR A 285 -1.30 27.22 1.15
C THR A 285 -1.44 27.70 2.59
N LEU A 286 -2.43 27.16 3.31
CA LEU A 286 -2.71 27.63 4.67
C LEU A 286 -1.58 27.23 5.64
N TYR A 287 -1.00 26.05 5.45
CA TYR A 287 0.16 25.66 6.29
C TYR A 287 1.45 26.41 5.90
N LYS A 288 1.60 26.71 4.61
CA LYS A 288 2.67 27.59 4.14
C LYS A 288 2.56 28.96 4.82
N GLN A 289 1.35 29.51 4.86
CA GLN A 289 1.08 30.81 5.49
C GLN A 289 1.44 30.80 6.98
N ALA A 290 1.20 29.67 7.63
CA ALA A 290 1.60 29.46 9.02
C ALA A 290 3.11 29.27 9.21
N GLY A 291 3.87 29.20 8.12
CA GLY A 291 5.32 29.04 8.18
C GLY A 291 5.79 27.60 8.37
N TRP A 292 4.90 26.64 8.15
CA TRP A 292 5.24 25.24 8.43
C TRP A 292 5.87 24.58 7.20
N LEU A 293 7.14 24.88 6.98
CA LEU A 293 7.86 24.41 5.79
C LEU A 293 8.91 23.34 6.15
N TYR A 294 8.70 22.70 7.29
CA TYR A 294 9.61 21.65 7.77
C TYR A 294 9.45 20.37 6.96
N GLY A 295 10.39 19.47 7.17
CA GLY A 295 10.29 18.11 6.65
C GLY A 295 10.98 17.82 5.34
N GLY A 296 11.79 18.75 4.85
CA GLY A 296 12.49 18.57 3.56
C GLY A 296 13.44 17.39 3.55
N GLY A 297 14.19 17.21 4.64
CA GLY A 297 15.08 16.06 4.77
C GLY A 297 16.04 15.94 3.61
N LEU A 298 16.13 14.74 3.02
CA LEU A 298 17.05 14.48 1.90
C LEU A 298 16.55 15.01 0.56
N ALA A 299 15.26 15.37 0.48
CA ALA A 299 14.71 15.90 -0.77
C ALA A 299 15.43 17.16 -1.23
N ALA A 300 15.99 17.90 -0.28
CA ALA A 300 16.74 19.10 -0.59
C ALA A 300 18.09 18.82 -1.27
N THR A 301 18.57 17.58 -1.23
CA THR A 301 19.86 17.23 -1.80
C THR A 301 19.81 16.06 -2.78
N ASN A 302 19.37 14.89 -2.29
CA ASN A 302 19.55 13.64 -3.01
C ASN A 302 18.24 12.90 -3.30
N VAL A 303 17.87 12.80 -4.57
CA VAL A 303 16.63 12.11 -4.96
C VAL A 303 16.88 11.12 -6.09
N LEU A 304 16.09 10.04 -6.14
CA LEU A 304 16.25 8.97 -7.11
C LEU A 304 14.94 8.37 -7.54
N ASP A 305 14.83 8.05 -8.84
CA ASP A 305 13.80 7.14 -9.34
C ASP A 305 14.37 6.40 -10.55
N TYR A 306 13.87 5.19 -10.82
CA TYR A 306 14.36 4.43 -11.98
C TYR A 306 13.86 4.97 -13.31
N GLY A 307 12.77 5.74 -13.29
CA GLY A 307 12.16 6.27 -14.52
C GLY A 307 11.12 5.29 -15.01
N GLU A 308 9.97 5.81 -15.46
CA GLU A 308 8.82 4.95 -15.76
CA GLU A 308 8.81 4.95 -15.76
C GLU A 308 7.89 5.57 -16.81
N TYR A 309 7.04 4.72 -17.38
CA TYR A 309 5.95 5.10 -18.28
C TYR A 309 6.47 5.60 -19.62
N PRO A 310 7.23 4.72 -20.32
CA PRO A 310 7.71 5.12 -21.64
C PRO A 310 6.53 5.21 -22.60
N ASN A 311 6.40 6.31 -23.33
CA ASN A 311 5.28 6.36 -24.29
C ASN A 311 5.51 5.47 -25.51
N VAL A 312 6.74 4.95 -25.66
CA VAL A 312 7.04 3.86 -26.59
C VAL A 312 7.63 2.69 -25.80
N ALA A 313 6.97 1.53 -25.86
CA ALA A 313 7.37 0.38 -25.04
C ALA A 313 8.81 -0.02 -25.29
N TYR A 314 9.53 -0.35 -24.21
CA TYR A 314 10.93 -0.77 -24.25
C TYR A 314 11.92 0.32 -24.71
N ASN A 315 11.44 1.57 -24.80
CA ASN A 315 12.29 2.72 -25.16
C ASN A 315 12.35 3.71 -23.99
N LYS A 316 13.39 3.57 -23.18
CA LYS A 316 13.47 4.27 -21.92
C LYS A 316 13.63 5.79 -22.07
N SER A 317 14.19 6.24 -23.20
CA SER A 317 14.31 7.66 -23.48
C SER A 317 12.94 8.37 -23.53
N THR A 318 11.86 7.60 -23.73
CA THR A 318 10.50 8.16 -23.81
C THR A 318 9.72 8.11 -22.49
N ASP A 319 10.40 7.79 -21.39
CA ASP A 319 9.78 7.80 -20.05
C ASP A 319 9.06 9.12 -19.76
N GLN A 320 7.78 9.02 -19.42
CA GLN A 320 6.95 10.20 -19.12
C GLN A 320 7.12 10.68 -17.68
N LEU A 321 7.71 9.84 -16.83
CA LEU A 321 8.29 10.27 -15.56
C LEU A 321 9.76 9.86 -15.60
N PRO A 322 10.60 10.69 -16.27
CA PRO A 322 11.99 10.31 -16.48
C PRO A 322 12.77 10.36 -15.19
N GLY A 323 13.60 9.34 -14.99
CA GLY A 323 14.28 9.14 -13.73
C GLY A 323 15.75 9.47 -13.74
N GLY A 324 16.46 8.88 -12.79
CA GLY A 324 17.87 9.14 -12.59
C GLY A 324 18.11 9.50 -11.15
N ALA A 325 19.25 10.15 -10.91
CA ALA A 325 19.65 10.55 -9.58
C ALA A 325 20.14 11.99 -9.59
N ILE A 326 19.74 12.74 -8.56
CA ILE A 326 20.24 14.08 -8.31
C ILE A 326 21.00 14.04 -6.98
N LEU A 327 22.14 14.72 -6.94
CA LEU A 327 22.94 14.81 -5.72
C LEU A 327 23.20 16.26 -5.33
N ASN A 328 23.33 16.49 -4.02
CA ASN A 328 23.76 17.78 -3.47
C ASN A 328 22.89 18.97 -3.85
N GLY A 329 21.62 18.71 -4.16
CA GLY A 329 20.68 19.74 -4.55
C GLY A 329 20.98 20.37 -5.90
N ASN A 330 21.80 19.72 -6.72
CA ASN A 330 22.14 20.25 -8.02
C ASN A 330 21.16 19.73 -9.06
N TRP A 331 20.15 20.54 -9.36
CA TRP A 331 19.08 20.15 -10.28
C TRP A 331 19.45 20.32 -11.76
N ASP A 332 20.65 20.86 -12.02
CA ASP A 332 21.17 20.99 -13.39
C ASP A 332 21.87 19.72 -13.91
N GLU A 333 22.02 18.71 -13.06
CA GLU A 333 22.73 17.50 -13.42
C GLU A 333 22.01 16.24 -12.93
N VAL A 334 21.38 15.52 -13.86
CA VAL A 334 20.73 14.26 -13.53
C VAL A 334 21.63 13.12 -13.98
N PHE A 335 22.05 12.29 -13.02
CA PHE A 335 22.87 11.12 -13.32
C PHE A 335 21.99 9.96 -13.73
N PRO A 336 22.44 9.17 -14.71
CA PRO A 336 21.69 7.97 -15.09
C PRO A 336 21.78 6.90 -14.00
N VAL A 337 20.69 6.17 -13.78
CA VAL A 337 20.64 5.10 -12.80
C VAL A 337 20.51 3.79 -13.56
N ASP A 338 21.42 2.86 -13.30
CA ASP A 338 21.42 1.54 -13.94
C ASP A 338 21.21 0.47 -12.87
N PRO A 339 20.02 -0.16 -12.84
CA PRO A 339 19.81 -1.22 -11.85
C PRO A 339 20.66 -2.50 -12.04
N ARG A 340 21.34 -2.64 -13.18
CA ARG A 340 22.21 -3.78 -13.43
C ARG A 340 23.65 -3.58 -12.92
N ASP A 341 24.00 -2.34 -12.58
CA ASP A 341 25.36 -1.97 -12.19
C ASP A 341 25.61 -2.32 -10.73
N SER A 342 26.54 -3.23 -10.47
CA SER A 342 26.83 -3.70 -9.11
C SER A 342 27.34 -2.60 -8.18
N GLN A 343 27.83 -1.50 -8.74
CA GLN A 343 28.37 -0.38 -7.98
C GLN A 343 27.35 0.73 -7.69
N GLN A 344 26.12 0.58 -8.18
CA GLN A 344 25.09 1.61 -7.97
C GLN A 344 24.16 1.29 -6.80
N VAL A 345 23.11 0.52 -7.04
CA VAL A 345 22.18 0.16 -5.96
C VAL A 345 22.79 -0.94 -5.10
N GLN A 346 23.00 -0.65 -3.82
CA GLN A 346 23.54 -1.64 -2.88
C GLN A 346 22.82 -1.53 -1.54
N GLU A 347 22.71 -2.64 -0.81
CA GLU A 347 22.07 -2.63 0.49
C GLU A 347 23.04 -3.01 1.61
N PHE A 348 23.07 -2.18 2.64
CA PHE A 348 23.83 -2.44 3.86
C PHE A 348 22.92 -3.03 4.93
N VAL A 349 23.49 -3.77 5.88
CA VAL A 349 22.74 -4.26 7.05
C VAL A 349 23.43 -3.96 8.38
N SER A 350 24.38 -3.03 8.34
CA SER A 350 25.16 -2.62 9.51
C SER A 350 24.28 -2.31 10.73
N HIS A 351 23.15 -1.65 10.49
CA HIS A 351 22.21 -1.29 11.56
C HIS A 351 20.84 -1.95 11.40
N SER A 352 20.80 -3.05 10.67
CA SER A 352 19.58 -3.81 10.42
C SER A 352 19.71 -5.19 11.06
N TRP A 353 18.56 -5.84 11.31
CA TRP A 353 18.55 -7.17 11.95
C TRP A 353 18.77 -8.32 10.95
N TYR A 354 19.89 -8.23 10.25
CA TYR A 354 20.35 -9.25 9.32
C TYR A 354 21.85 -9.42 9.48
N LYS A 355 22.40 -10.42 8.81
CA LYS A 355 23.83 -10.62 8.84
C LYS A 355 24.41 -10.88 7.46
N TYR A 356 25.58 -10.29 7.22
CA TYR A 356 26.40 -10.58 6.05
C TYR A 356 27.73 -11.12 6.55
N ALA A 357 28.47 -11.78 5.67
CA ALA A 357 29.86 -12.15 5.94
C ALA A 357 30.67 -10.92 6.35
N ASP A 358 30.53 -9.83 5.59
CA ASP A 358 31.21 -8.56 5.89
C ASP A 358 30.19 -7.42 5.79
N GLU A 359 29.84 -6.86 6.94
CA GLU A 359 28.81 -5.83 7.00
C GLU A 359 29.35 -4.41 6.79
N SER A 360 30.63 -4.30 6.48
CA SER A 360 31.20 -3.03 6.07
C SER A 360 30.94 -2.75 4.58
N VAL A 361 30.37 -3.71 3.86
CA VAL A 361 30.05 -3.50 2.45
C VAL A 361 28.54 -3.64 2.18
N GLY A 362 28.10 -3.00 1.11
CA GLY A 362 26.73 -3.10 0.63
C GLY A 362 26.67 -4.04 -0.55
N LEU A 363 25.63 -4.86 -0.61
CA LEU A 363 25.47 -5.84 -1.67
C LEU A 363 24.47 -5.38 -2.71
N HIS A 364 24.85 -5.48 -3.98
CA HIS A 364 23.92 -5.29 -5.08
C HIS A 364 22.90 -6.44 -4.98
N PRO A 365 21.63 -6.21 -5.35
CA PRO A 365 20.61 -7.24 -5.08
C PRO A 365 20.75 -8.58 -5.82
N TRP A 366 21.46 -8.62 -6.95
CA TRP A 366 21.78 -9.92 -7.57
C TRP A 366 22.70 -10.76 -6.67
N ASP A 367 23.39 -10.11 -5.74
CA ASP A 367 24.26 -10.78 -4.79
C ASP A 367 23.71 -10.66 -3.36
N GLY A 368 22.44 -10.29 -3.23
CA GLY A 368 21.84 -10.00 -1.95
C GLY A 368 21.66 -11.23 -1.10
N VAL A 369 21.65 -11.00 0.21
CA VAL A 369 21.57 -12.05 1.21
C VAL A 369 20.55 -11.61 2.27
N THR A 370 19.65 -12.51 2.67
CA THR A 370 18.66 -12.23 3.70
C THR A 370 18.67 -13.31 4.78
N GLU A 371 19.56 -13.14 5.75
CA GLU A 371 19.66 -14.03 6.91
C GLU A 371 19.32 -13.20 8.14
N PRO A 372 18.21 -13.55 8.83
CA PRO A 372 17.82 -12.71 9.98
C PRO A 372 18.80 -12.80 11.14
N ASN A 373 18.88 -11.70 11.89
CA ASN A 373 19.76 -11.60 13.05
C ASN A 373 19.19 -10.57 14.00
N TYR A 374 18.18 -10.98 14.77
CA TYR A 374 17.55 -10.10 15.75
C TYR A 374 18.40 -10.07 17.01
N VAL A 375 19.09 -8.94 17.21
CA VAL A 375 19.96 -8.71 18.35
C VAL A 375 19.93 -7.23 18.69
N LEU A 376 19.90 -6.90 19.97
CA LEU A 376 19.80 -5.51 20.43
C LEU A 376 21.12 -5.04 21.03
N GLY A 377 21.38 -3.74 20.87
CA GLY A 377 22.63 -3.14 21.31
C GLY A 377 22.75 -3.00 22.82
N ALA A 378 23.97 -2.77 23.28
CA ALA A 378 24.28 -2.67 24.71
C ALA A 378 23.59 -1.51 25.43
N ASN A 379 23.27 -0.44 24.69
N ASN A 379 23.28 -0.43 24.69
CA ASN A 379 22.64 0.73 25.29
CA ASN A 379 22.63 0.74 25.28
C ASN A 379 21.10 0.69 25.28
C ASN A 379 21.10 0.69 25.28
N THR A 380 20.53 -0.47 24.94
CA THR A 380 19.07 -0.64 24.97
C THR A 380 18.51 -0.48 26.36
N LYS A 381 17.39 0.23 26.48
CA LYS A 381 16.61 0.26 27.70
C LYS A 381 15.47 -0.72 27.55
N GLY A 382 15.40 -1.67 28.47
CA GLY A 382 14.43 -2.76 28.41
C GLY A 382 15.12 -4.07 28.09
N THR A 383 14.34 -5.02 27.59
CA THR A 383 14.82 -6.35 27.28
C THR A 383 14.55 -6.70 25.83
N ARG A 384 15.11 -7.83 25.43
CA ARG A 384 14.92 -8.42 24.11
C ARG A 384 13.45 -8.51 23.65
N THR A 385 12.53 -8.74 24.58
CA THR A 385 11.10 -8.83 24.27
C THR A 385 10.27 -7.71 24.92
N ARG A 386 10.93 -6.70 25.47
CA ARG A 386 10.23 -5.56 26.03
C ARG A 386 11.11 -4.31 25.94
N ILE A 387 11.13 -3.73 24.75
CA ILE A 387 11.98 -2.58 24.46
C ILE A 387 11.34 -1.29 24.98
N GLU A 388 12.07 -0.54 25.80
CA GLU A 388 11.65 0.78 26.27
C GLU A 388 12.26 1.88 25.41
N GLN A 389 13.55 1.76 25.12
N GLN A 389 13.56 1.78 25.14
CA GLN A 389 14.27 2.70 24.26
CA GLN A 389 14.24 2.70 24.23
C GLN A 389 15.26 1.93 23.39
C GLN A 389 15.26 1.93 23.40
N ILE A 390 15.07 1.97 22.08
CA ILE A 390 15.92 1.23 21.15
C ILE A 390 17.30 1.87 21.03
N ASP A 391 18.32 1.05 20.77
CA ASP A 391 19.71 1.50 20.67
C ASP A 391 20.11 1.66 19.20
N GLU A 392 20.01 2.88 18.69
CA GLU A 392 20.33 3.15 17.29
C GLU A 392 21.83 3.15 16.96
N SER A 393 22.69 2.98 17.96
CA SER A 393 24.12 2.79 17.70
C SER A 393 24.41 1.38 17.18
N ALA A 394 23.46 0.46 17.36
CA ALA A 394 23.61 -0.93 16.94
C ALA A 394 22.55 -1.30 15.90
N LYS A 395 22.01 -2.52 15.92
CA LYS A 395 21.00 -2.94 14.94
C LYS A 395 19.61 -2.61 15.46
N TYR A 396 18.81 -1.91 14.67
CA TYR A 396 17.57 -1.33 15.19
C TYR A 396 16.37 -1.38 14.27
N SER A 397 16.40 -2.26 13.27
CA SER A 397 15.33 -2.29 12.27
C SER A 397 15.34 -3.54 11.41
N TRP A 398 14.16 -3.98 10.99
CA TRP A 398 14.02 -5.03 9.99
C TRP A 398 14.20 -4.52 8.54
N ILE A 399 14.38 -3.21 8.38
CA ILE A 399 14.59 -2.63 7.05
C ILE A 399 16.09 -2.60 6.75
N LYS A 400 16.49 -3.11 5.59
CA LYS A 400 17.87 -2.96 5.10
C LYS A 400 18.14 -1.50 4.71
N SER A 401 19.41 -1.18 4.45
CA SER A 401 19.80 0.20 4.11
C SER A 401 20.26 0.32 2.66
N PRO A 402 19.34 0.64 1.72
CA PRO A 402 19.75 0.80 0.32
C PRO A 402 20.42 2.15 0.12
N ARG A 403 21.46 2.15 -0.70
CA ARG A 403 22.17 3.37 -1.06
C ARG A 403 22.48 3.32 -2.56
N TRP A 404 22.71 4.49 -3.15
CA TRP A 404 23.06 4.57 -4.57
C TRP A 404 24.45 5.17 -4.68
N ARG A 405 25.41 4.36 -5.16
CA ARG A 405 26.82 4.76 -5.19
C ARG A 405 27.26 5.27 -3.82
N GLY A 406 26.74 4.64 -2.77
CA GLY A 406 27.04 5.01 -1.39
C GLY A 406 26.23 6.16 -0.81
N HIS A 407 25.43 6.83 -1.63
CA HIS A 407 24.67 8.01 -1.19
C HIS A 407 23.30 7.62 -0.69
N ALA A 408 22.84 8.31 0.35
CA ALA A 408 21.47 8.12 0.85
C ALA A 408 20.55 9.00 0.03
N MET A 409 19.46 8.41 -0.47
CA MET A 409 18.53 9.05 -1.39
C MET A 409 17.11 9.01 -0.85
N GLU A 410 16.32 10.04 -1.16
CA GLU A 410 14.87 9.99 -0.96
C GLU A 410 14.23 9.53 -2.28
N VAL A 411 13.23 8.66 -2.17
CA VAL A 411 12.45 8.20 -3.31
C VAL A 411 10.97 8.56 -3.12
N GLY A 412 10.20 8.55 -4.20
CA GLY A 412 8.76 8.81 -4.12
C GLY A 412 8.27 9.79 -5.15
N PRO A 413 6.96 10.13 -5.08
CA PRO A 413 6.39 11.09 -6.02
C PRO A 413 7.18 12.40 -6.04
N LEU A 414 7.58 12.89 -4.86
CA LEU A 414 8.39 14.13 -4.80
C LEU A 414 9.70 13.99 -5.57
N SER A 415 10.40 12.88 -5.36
CA SER A 415 11.62 12.61 -6.11
C SER A 415 11.37 12.60 -7.61
N ARG A 416 10.28 11.94 -8.03
CA ARG A 416 9.94 11.89 -9.45
C ARG A 416 9.61 13.28 -10.01
N TYR A 417 8.95 14.12 -9.22
CA TYR A 417 8.60 15.46 -9.71
C TYR A 417 9.81 16.41 -9.77
N ILE A 418 10.71 16.30 -8.80
CA ILE A 418 11.98 17.03 -8.86
C ILE A 418 12.78 16.57 -10.09
N LEU A 419 12.86 15.26 -10.29
CA LEU A 419 13.55 14.71 -11.46
C LEU A 419 12.92 15.16 -12.79
N ALA A 420 11.59 15.12 -12.86
CA ALA A 420 10.87 15.58 -14.04
C ALA A 420 11.14 17.05 -14.33
N TYR A 421 11.10 17.88 -13.28
CA TYR A 421 11.40 19.30 -13.39
C TYR A 421 12.82 19.53 -13.92
N ALA A 422 13.79 18.80 -13.37
CA ALA A 422 15.19 18.88 -13.81
C ALA A 422 15.32 18.47 -15.28
N HIS A 423 14.68 17.37 -15.64
CA HIS A 423 14.70 16.88 -17.02
C HIS A 423 14.07 17.91 -17.97
N ALA A 424 12.93 18.47 -17.58
CA ALA A 424 12.24 19.46 -18.39
C ALA A 424 13.10 20.70 -18.64
N ARG A 425 13.81 21.14 -17.61
CA ARG A 425 14.74 22.26 -17.72
C ARG A 425 15.92 21.98 -18.67
N SER A 426 16.30 20.71 -18.80
CA SER A 426 17.39 20.33 -19.71
C SER A 426 16.90 20.04 -21.14
N GLY A 427 15.59 20.17 -21.38
CA GLY A 427 15.03 20.05 -22.72
C GLY A 427 14.22 18.79 -23.00
N ASN A 428 14.05 17.94 -21.99
CA ASN A 428 13.25 16.72 -22.12
C ASN A 428 11.76 17.06 -22.27
N LYS A 429 11.20 16.75 -23.43
CA LYS A 429 9.81 17.12 -23.73
C LYS A 429 8.78 16.17 -23.13
N TYR A 430 9.21 14.97 -22.74
CA TYR A 430 8.30 13.98 -22.15
C TYR A 430 7.89 14.37 -20.73
N ALA A 431 8.63 15.30 -20.13
CA ALA A 431 8.38 15.78 -18.78
C ALA A 431 7.65 17.13 -18.74
N GLU A 432 7.08 17.56 -19.87
CA GLU A 432 6.41 18.86 -19.96
CA GLU A 432 6.43 18.87 -19.93
C GLU A 432 5.21 18.98 -19.00
N ARG A 433 4.40 17.93 -18.93
CA ARG A 433 3.18 17.98 -18.10
C ARG A 433 3.48 18.13 -16.59
N PRO A 434 4.35 17.29 -16.01
CA PRO A 434 4.72 17.53 -14.60
C PRO A 434 5.29 18.93 -14.33
N LYS A 435 6.11 19.45 -15.24
CA LYS A 435 6.64 20.81 -15.09
C LYS A 435 5.50 21.82 -15.06
N GLU A 436 4.54 21.66 -15.97
CA GLU A 436 3.36 22.53 -16.03
C GLU A 436 2.55 22.48 -14.73
N GLN A 437 2.35 21.27 -14.20
CA GLN A 437 1.62 21.11 -12.93
C GLN A 437 2.31 21.82 -11.77
N LEU A 438 3.64 21.73 -11.76
CA LEU A 438 4.42 22.32 -10.68
C LEU A 438 4.36 23.84 -10.71
N GLU A 439 4.49 24.42 -11.91
CA GLU A 439 4.43 25.87 -12.09
CA GLU A 439 4.44 25.87 -12.06
C GLU A 439 3.04 26.38 -11.73
N TYR A 440 2.02 25.65 -12.17
CA TYR A 440 0.63 25.97 -11.84
C TYR A 440 0.44 25.96 -10.33
N SER A 441 0.97 24.92 -9.68
CA SER A 441 0.81 24.76 -8.23
C SER A 441 1.48 25.87 -7.43
N ALA A 442 2.70 26.23 -7.83
CA ALA A 442 3.44 27.29 -7.14
C ALA A 442 2.70 28.62 -7.25
N GLN A 443 2.14 28.91 -8.43
CA GLN A 443 1.36 30.13 -8.62
C GLN A 443 0.08 30.09 -7.76
N MET A 444 -0.55 28.92 -7.65
CA MET A 444 -1.75 28.78 -6.82
C MET A 444 -1.43 29.01 -5.34
N ILE A 445 -0.36 28.38 -4.87
CA ILE A 445 0.06 28.44 -3.47
C ILE A 445 0.59 29.81 -3.09
N ASN A 446 1.35 30.42 -3.98
CA ASN A 446 1.93 31.75 -3.73
C ASN A 446 0.99 32.94 -3.92
N SER A 447 0.12 32.90 -4.93
CA SER A 447 -0.65 34.08 -5.35
CA SER A 447 -0.65 34.09 -5.32
CA SER A 447 -0.65 34.08 -5.35
C SER A 447 -2.17 33.87 -5.40
N ALA A 448 -2.62 32.94 -6.24
CA ALA A 448 -4.08 32.77 -6.48
C ALA A 448 -4.90 32.44 -5.23
N ILE A 449 -4.48 31.42 -4.47
CA ILE A 449 -5.24 31.01 -3.29
C ILE A 449 -5.17 32.07 -2.18
N PRO A 450 -3.97 32.58 -1.86
CA PRO A 450 -3.91 33.67 -0.89
C PRO A 450 -4.83 34.85 -1.23
N LYS A 451 -4.83 35.25 -2.50
CA LYS A 451 -5.66 36.36 -2.96
C LYS A 451 -7.15 36.06 -2.77
N ALA A 452 -7.55 34.82 -3.05
CA ALA A 452 -8.94 34.39 -2.87
C ALA A 452 -9.34 34.35 -1.40
N LEU A 453 -8.39 34.02 -0.53
CA LEU A 453 -8.63 33.91 0.92
C LEU A 453 -8.22 35.16 1.71
N GLY A 454 -7.76 36.19 1.01
CA GLY A 454 -7.37 37.45 1.64
C GLY A 454 -6.08 37.39 2.44
N LEU A 455 -5.20 36.45 2.07
CA LEU A 455 -3.92 36.27 2.75
C LEU A 455 -2.80 36.91 1.94
N PRO A 456 -1.65 37.19 2.58
CA PRO A 456 -0.54 37.81 1.85
C PRO A 456 0.05 36.91 0.77
N GLU A 457 0.43 37.51 -0.36
CA GLU A 457 1.08 36.80 -1.44
CA GLU A 457 1.08 36.77 -1.43
C GLU A 457 2.53 36.51 -1.07
N THR A 458 3.02 35.32 -1.40
CA THR A 458 4.40 34.93 -1.12
C THR A 458 5.15 34.72 -2.43
N GLN A 459 6.46 34.54 -2.34
CA GLN A 459 7.32 34.43 -3.52
C GLN A 459 8.26 33.22 -3.47
N TYR A 460 7.80 32.11 -2.91
CA TYR A 460 8.61 30.90 -2.83
C TYR A 460 8.88 30.33 -4.21
N THR A 461 10.11 29.89 -4.45
CA THR A 461 10.46 29.18 -5.67
C THR A 461 10.11 27.70 -5.51
N LEU A 462 10.10 26.97 -6.62
CA LEU A 462 9.87 25.52 -6.54
C LEU A 462 11.00 24.83 -5.79
N LYS A 463 12.22 25.34 -5.93
CA LYS A 463 13.39 24.83 -5.20
CA LYS A 463 13.35 24.77 -5.20
C LYS A 463 13.18 24.96 -3.70
N GLN A 464 12.47 26.02 -3.29
CA GLN A 464 12.17 26.28 -1.89
C GLN A 464 10.94 25.50 -1.39
N LEU A 465 9.88 25.47 -2.20
CA LEU A 465 8.63 24.82 -1.79
C LEU A 465 8.67 23.30 -1.80
N LEU A 466 9.28 22.72 -2.82
CA LEU A 466 9.19 21.27 -3.03
C LEU A 466 9.85 20.45 -1.91
N PRO A 467 11.08 20.82 -1.49
CA PRO A 467 11.72 20.05 -0.43
C PRO A 467 11.15 20.40 0.95
N SER A 468 9.96 19.89 1.20
CA SER A 468 9.23 20.12 2.44
C SER A 468 8.14 19.06 2.55
N THR A 469 7.59 18.90 3.75
CA THR A 469 6.46 18.00 3.94
C THR A 469 5.27 18.43 3.08
N ILE A 470 5.01 19.73 3.00
CA ILE A 470 3.97 20.28 2.11
C ILE A 470 4.26 19.87 0.66
N GLY A 471 5.49 20.10 0.21
CA GLY A 471 5.87 19.75 -1.16
C GLY A 471 5.74 18.27 -1.47
N ARG A 472 6.12 17.44 -0.51
CA ARG A 472 6.03 15.98 -0.68
C ARG A 472 4.57 15.53 -0.84
N THR A 473 3.68 16.18 -0.10
CA THR A 473 2.24 15.91 -0.15
C THR A 473 1.66 16.38 -1.48
N LEU A 474 2.08 17.57 -1.91
CA LEU A 474 1.68 18.13 -3.20
C LEU A 474 2.06 17.24 -4.37
N ALA A 475 3.31 16.81 -4.40
CA ALA A 475 3.81 15.99 -5.51
C ALA A 475 2.98 14.71 -5.68
N ARG A 476 2.59 14.11 -4.56
CA ARG A 476 1.73 12.92 -4.60
C ARG A 476 0.42 13.22 -5.31
N ALA A 477 -0.20 14.34 -4.98
CA ALA A 477 -1.48 14.71 -5.59
C ALA A 477 -1.34 14.98 -7.07
N LEU A 478 -0.30 15.72 -7.45
CA LEU A 478 -0.04 16.00 -8.86
C LEU A 478 0.23 14.73 -9.65
N GLU A 479 0.97 13.80 -9.06
CA GLU A 479 1.25 12.53 -9.70
C GLU A 479 -0.04 11.75 -9.95
N SER A 480 -0.93 11.73 -8.96
CA SER A 480 -2.23 11.09 -9.13
C SER A 480 -2.96 11.64 -10.36
N GLN A 481 -3.00 12.97 -10.46
CA GLN A 481 -3.62 13.63 -11.61
C GLN A 481 -2.96 13.24 -12.93
N TYR A 482 -1.63 13.30 -12.96
CA TYR A 482 -0.87 12.92 -14.17
C TYR A 482 -1.12 11.48 -14.58
N CYS A 483 -1.12 10.56 -13.63
CA CYS A 483 -1.41 9.16 -13.90
C CYS A 483 -2.81 8.94 -14.50
N GLY A 484 -3.81 9.65 -13.96
CA GLY A 484 -5.17 9.59 -14.51
C GLY A 484 -5.19 10.05 -15.97
N GLU A 485 -4.50 11.15 -16.25
CA GLU A 485 -4.41 11.68 -17.62
C GLU A 485 -3.71 10.70 -18.55
N MET A 486 -2.61 10.12 -18.10
CA MET A 486 -1.88 9.17 -18.93
C MET A 486 -2.69 7.91 -19.26
N MET A 487 -3.41 7.35 -18.30
CA MET A 487 -4.14 6.09 -18.60
C MET A 487 -5.34 6.34 -19.50
N HIS A 488 -5.86 7.56 -19.50
CA HIS A 488 -6.88 8.00 -20.46
C HIS A 488 -6.33 7.86 -21.90
N SER A 489 -5.11 8.33 -22.12
CA SER A 489 -4.43 8.15 -23.40
C SER A 489 -4.12 6.67 -23.70
N ASP A 490 -3.68 5.93 -22.69
CA ASP A 490 -3.40 4.49 -22.84
C ASP A 490 -4.65 3.74 -23.28
N TRP A 491 -5.80 4.11 -22.73
CA TRP A 491 -7.05 3.47 -23.10
C TRP A 491 -7.34 3.66 -24.59
N HIS A 492 -7.18 4.89 -25.07
CA HIS A 492 -7.42 5.19 -26.48
C HIS A 492 -6.46 4.39 -27.37
N ASP A 493 -5.21 4.28 -26.96
CA ASP A 493 -4.22 3.52 -27.73
C ASP A 493 -4.53 2.02 -27.74
N LEU A 494 -4.98 1.50 -26.61
CA LEU A 494 -5.38 0.10 -26.52
C LEU A 494 -6.53 -0.21 -27.47
N VAL A 495 -7.59 0.59 -27.42
CA VAL A 495 -8.78 0.38 -28.25
C VAL A 495 -8.43 0.54 -29.73
N ALA A 496 -7.63 1.54 -30.05
CA ALA A 496 -7.17 1.77 -31.42
C ALA A 496 -6.39 0.58 -31.96
N ASN A 497 -5.50 0.03 -31.13
CA ASN A 497 -4.70 -1.12 -31.54
C ASN A 497 -5.55 -2.36 -31.78
N ILE A 498 -6.53 -2.58 -30.91
CA ILE A 498 -7.46 -3.71 -31.05
C ILE A 498 -8.32 -3.57 -32.31
N ARG A 499 -8.87 -2.37 -32.51
CA ARG A 499 -9.65 -2.07 -33.70
C ARG A 499 -8.85 -2.20 -35.01
N ALA A 500 -7.54 -1.96 -34.94
CA ALA A 500 -6.65 -2.16 -36.10
C ALA A 500 -6.40 -3.63 -36.40
N GLY A 501 -6.79 -4.52 -35.49
CA GLY A 501 -6.75 -5.96 -35.71
C GLY A 501 -5.77 -6.74 -34.86
N ASP A 502 -5.02 -6.04 -33.99
CA ASP A 502 -4.10 -6.71 -33.07
C ASP A 502 -4.79 -7.00 -31.74
N THR A 503 -5.17 -8.26 -31.55
CA THR A 503 -5.82 -8.71 -30.33
C THR A 503 -4.89 -9.47 -29.39
N ALA A 504 -3.60 -9.57 -29.72
CA ALA A 504 -2.65 -10.37 -28.92
C ALA A 504 -2.52 -9.84 -27.49
N THR A 505 -2.58 -10.76 -26.51
CA THR A 505 -2.36 -10.40 -25.10
C THR A 505 -1.23 -11.17 -24.40
N ALA A 506 -0.71 -12.22 -25.02
CA ALA A 506 0.38 -12.98 -24.40
C ALA A 506 1.35 -13.58 -25.41
N ASN A 507 2.63 -13.48 -25.08
CA ASN A 507 3.71 -14.15 -25.79
C ASN A 507 4.03 -15.38 -24.98
N VAL A 508 3.76 -16.56 -25.56
CA VAL A 508 3.99 -17.83 -24.88
C VAL A 508 5.17 -18.62 -25.45
N ASP A 509 5.98 -17.97 -26.29
CA ASP A 509 7.11 -18.64 -26.93
C ASP A 509 8.05 -19.26 -25.90
N LYS A 510 8.25 -18.58 -24.78
CA LYS A 510 9.13 -19.08 -23.71
C LYS A 510 8.39 -19.39 -22.41
N TRP A 511 7.11 -19.74 -22.50
CA TRP A 511 6.34 -20.14 -21.33
C TRP A 511 6.91 -21.43 -20.71
N ASP A 512 7.21 -22.41 -21.56
CA ASP A 512 7.70 -23.70 -21.09
C ASP A 512 9.17 -23.61 -20.69
N PRO A 513 9.50 -24.04 -19.45
CA PRO A 513 10.90 -23.93 -19.01
C PRO A 513 11.91 -24.78 -19.79
N ALA A 514 11.44 -25.73 -20.60
CA ALA A 514 12.33 -26.46 -21.52
C ALA A 514 12.96 -25.53 -22.56
N THR A 515 12.35 -24.37 -22.80
CA THR A 515 12.89 -23.38 -23.74
C THR A 515 13.90 -22.40 -23.11
N TRP A 516 14.05 -22.43 -21.79
CA TRP A 516 14.83 -21.40 -21.11
C TRP A 516 16.32 -21.67 -21.17
N PRO A 517 17.13 -20.60 -21.06
CA PRO A 517 18.54 -20.84 -20.80
C PRO A 517 18.69 -21.48 -19.42
N LEU A 518 19.74 -22.27 -19.25
CA LEU A 518 19.91 -23.07 -18.03
C LEU A 518 20.23 -22.22 -16.81
N GLN A 519 20.76 -21.03 -17.05
CA GLN A 519 20.82 -20.02 -16.01
C GLN A 519 20.58 -18.65 -16.63
N ALA A 520 20.11 -17.73 -15.80
CA ALA A 520 19.80 -16.40 -16.27
C ALA A 520 19.61 -15.49 -15.07
N LYS A 521 19.78 -14.19 -15.28
N LYS A 521 19.77 -14.19 -15.29
CA LYS A 521 19.45 -13.20 -14.27
CA LYS A 521 19.46 -13.20 -14.28
C LYS A 521 18.69 -12.07 -14.92
C LYS A 521 18.69 -12.07 -14.93
N GLY A 522 17.80 -11.45 -14.15
CA GLY A 522 16.98 -10.36 -14.66
C GLY A 522 16.62 -9.38 -13.58
N VAL A 523 16.19 -8.20 -14.01
CA VAL A 523 15.73 -7.16 -13.11
C VAL A 523 14.48 -6.53 -13.70
N GLY A 524 13.52 -6.27 -12.82
CA GLY A 524 12.32 -5.53 -13.20
C GLY A 524 12.20 -4.34 -12.27
N THR A 525 11.96 -3.16 -12.82
CA THR A 525 11.77 -1.96 -12.01
C THR A 525 10.40 -1.37 -12.29
N VAL A 526 9.87 -0.68 -11.29
CA VAL A 526 8.54 -0.10 -11.33
C VAL A 526 8.56 1.22 -10.56
N ALA A 527 7.90 2.25 -11.07
CA ALA A 527 7.68 3.46 -10.29
C ALA A 527 6.45 3.18 -9.46
N ALA A 528 6.66 2.55 -8.32
CA ALA A 528 5.56 2.22 -7.41
C ALA A 528 5.04 3.51 -6.77
N PRO A 529 3.82 3.48 -6.20
CA PRO A 529 3.28 4.70 -5.61
C PRO A 529 4.24 5.43 -4.66
N ARG A 530 5.05 4.68 -3.90
CA ARG A 530 5.92 5.29 -2.90
C ARG A 530 7.35 5.54 -3.38
N GLY A 531 7.68 5.20 -4.63
CA GLY A 531 9.02 5.46 -5.16
C GLY A 531 9.56 4.31 -5.99
N ALA A 532 10.88 4.15 -5.93
CA ALA A 532 11.62 3.24 -6.79
C ALA A 532 11.56 1.80 -6.29
N LEU A 533 10.96 0.92 -7.10
CA LEU A 533 10.85 -0.51 -6.77
C LEU A 533 11.67 -1.31 -7.77
N GLY A 534 12.43 -2.27 -7.24
CA GLY A 534 13.18 -3.21 -8.07
C GLY A 534 13.12 -4.62 -7.52
N HIS A 535 12.95 -5.58 -8.42
CA HIS A 535 13.09 -7.01 -8.11
C HIS A 535 14.22 -7.55 -8.95
N TRP A 536 15.14 -8.28 -8.32
CA TRP A 536 16.30 -8.88 -8.98
C TRP A 536 16.24 -10.38 -8.81
N ILE A 537 16.25 -11.12 -9.92
CA ILE A 537 16.08 -12.58 -9.90
C ILE A 537 17.28 -13.25 -10.56
N ARG A 538 17.70 -14.38 -9.97
CA ARG A 538 18.60 -15.32 -10.62
C ARG A 538 17.83 -16.63 -10.77
N ILE A 539 17.86 -17.18 -11.98
CA ILE A 539 17.20 -18.44 -12.32
C ILE A 539 18.25 -19.49 -12.62
N LYS A 540 18.05 -20.70 -12.11
CA LYS A 540 18.95 -21.82 -12.39
C LYS A 540 18.14 -23.10 -12.58
N ASP A 541 18.31 -23.73 -13.74
CA ASP A 541 17.62 -24.97 -14.06
C ASP A 541 16.13 -24.90 -13.78
N GLY A 542 15.49 -23.85 -14.27
CA GLY A 542 14.04 -23.67 -14.15
C GLY A 542 13.54 -23.18 -12.80
N ARG A 543 14.44 -22.98 -11.83
CA ARG A 543 14.05 -22.57 -10.47
C ARG A 543 14.65 -21.22 -10.07
N ILE A 544 14.03 -20.59 -9.07
CA ILE A 544 14.55 -19.37 -8.48
C ILE A 544 15.75 -19.69 -7.60
N GLU A 545 16.91 -19.15 -7.97
CA GLU A 545 18.14 -19.32 -7.20
C GLU A 545 18.31 -18.19 -6.19
N ASN A 546 18.03 -16.96 -6.62
CA ASN A 546 18.03 -15.82 -5.72
C ASN A 546 16.94 -14.88 -6.15
N TYR A 547 16.27 -14.25 -5.19
CA TYR A 547 15.23 -13.28 -5.45
C TYR A 547 15.36 -12.21 -4.37
N GLN A 548 15.69 -10.99 -4.77
CA GLN A 548 15.88 -9.88 -3.84
C GLN A 548 15.05 -8.69 -4.28
N CYS A 549 14.34 -8.12 -3.32
CA CYS A 549 13.52 -6.94 -3.56
C CYS A 549 14.11 -5.77 -2.81
N VAL A 550 14.16 -4.62 -3.48
CA VAL A 550 14.47 -3.36 -2.84
C VAL A 550 13.30 -2.44 -3.18
N VAL A 551 12.60 -2.00 -2.14
CA VAL A 551 11.26 -1.44 -2.25
C VAL A 551 11.33 0.04 -1.84
N PRO A 552 10.38 0.88 -2.29
CA PRO A 552 10.53 2.30 -1.99
C PRO A 552 10.69 2.64 -0.52
N THR A 553 9.89 2.00 0.35
CA THR A 553 9.95 2.34 1.77
C THR A 553 11.23 1.72 2.38
N THR A 554 11.85 0.76 1.70
CA THR A 554 13.18 0.28 2.11
C THR A 554 14.17 1.45 2.01
N TRP A 555 14.15 2.17 0.89
CA TRP A 555 14.97 3.38 0.75
C TRP A 555 14.60 4.41 1.83
N ASN A 556 13.34 4.82 1.85
CA ASN A 556 12.96 5.97 2.69
C ASN A 556 13.06 5.69 4.18
N GLY A 557 12.63 4.50 4.60
CA GLY A 557 12.62 4.15 6.02
C GLY A 557 13.91 3.53 6.52
N SER A 558 14.92 3.46 5.67
CA SER A 558 16.17 2.77 6.01
CA SER A 558 16.22 2.83 5.96
C SER A 558 16.84 3.29 7.28
N PRO A 559 17.45 2.36 8.03
CA PRO A 559 18.27 2.77 9.16
C PRO A 559 19.63 3.22 8.64
N ARG A 560 20.49 3.63 9.56
CA ARG A 560 21.80 4.16 9.17
C ARG A 560 22.66 3.09 8.49
N ASP A 561 23.59 3.53 7.65
CA ASP A 561 24.46 2.61 6.92
C ASP A 561 25.80 2.45 7.65
N TYR A 562 26.77 1.80 7.01
CA TYR A 562 28.06 1.57 7.64
C TYR A 562 28.75 2.89 7.99
N LYS A 563 28.62 3.88 7.12
CA LYS A 563 29.18 5.22 7.36
C LYS A 563 28.36 6.07 8.33
N GLY A 564 27.21 5.58 8.78
CA GLY A 564 26.36 6.31 9.70
C GLY A 564 25.45 7.35 9.05
N GLN A 565 25.34 7.30 7.72
CA GLN A 565 24.47 8.20 7.01
C GLN A 565 23.02 7.83 7.27
N ILE A 566 22.19 8.85 7.47
CA ILE A 566 20.78 8.65 7.77
C ILE A 566 19.95 8.61 6.49
N GLY A 567 18.84 7.89 6.56
CA GLY A 567 17.86 7.81 5.48
C GLY A 567 16.81 8.89 5.54
N ALA A 568 15.92 8.86 4.56
CA ALA A 568 14.95 9.93 4.32
C ALA A 568 14.02 10.23 5.49
N PHE A 569 13.43 9.21 6.11
CA PHE A 569 12.53 9.43 7.28
C PHE A 569 13.26 10.16 8.39
N GLU A 570 14.43 9.65 8.78
CA GLU A 570 15.19 10.24 9.88
C GLU A 570 15.60 11.68 9.56
N ALA A 571 16.04 11.94 8.32
CA ALA A 571 16.43 13.28 7.91
C ALA A 571 15.25 14.26 7.90
N SER A 572 14.07 13.77 7.50
CA SER A 572 12.89 14.63 7.37
C SER A 572 12.38 15.12 8.72
N LEU A 573 12.57 14.33 9.78
CA LEU A 573 12.10 14.71 11.11
C LEU A 573 13.04 15.72 11.78
N MET A 574 14.32 15.67 11.42
CA MET A 574 15.31 16.56 12.00
C MET A 574 14.88 18.03 11.95
N ASN A 575 15.15 18.70 13.07
CA ASN A 575 15.01 20.14 13.19
C ASN A 575 13.58 20.66 13.08
N THR A 576 12.64 19.82 13.49
CA THR A 576 11.23 20.17 13.50
C THR A 576 10.80 20.42 14.94
N PRO A 577 10.23 21.61 15.22
CA PRO A 577 9.65 21.86 16.55
C PRO A 577 8.36 21.08 16.77
N MET A 578 8.13 20.67 18.02
CA MET A 578 6.89 20.03 18.42
C MET A 578 6.17 20.95 19.41
N VAL A 579 4.88 21.15 19.20
CA VAL A 579 4.06 21.91 20.13
C VAL A 579 4.06 21.25 21.51
N ASN A 580 3.88 19.94 21.54
CA ASN A 580 3.93 19.14 22.76
C ASN A 580 4.66 17.85 22.45
N PRO A 581 5.82 17.61 23.09
CA PRO A 581 6.59 16.41 22.72
C PRO A 581 5.88 15.08 23.01
N GLU A 582 4.83 15.11 23.84
CA GLU A 582 4.03 13.91 24.15
C GLU A 582 2.89 13.68 23.16
N GLN A 583 2.65 14.62 22.24
CA GLN A 583 1.68 14.45 21.16
C GLN A 583 2.42 14.46 19.82
N PRO A 584 2.52 13.29 19.15
CA PRO A 584 3.39 13.20 17.96
C PRO A 584 2.80 13.79 16.67
N VAL A 585 2.11 14.92 16.76
CA VAL A 585 1.38 15.46 15.61
C VAL A 585 2.33 15.77 14.43
N GLU A 586 3.42 16.47 14.72
CA GLU A 586 4.37 16.86 13.68
C GLU A 586 5.14 15.66 13.16
N ILE A 587 5.43 14.69 14.04
CA ILE A 587 6.12 13.47 13.65
C ILE A 587 5.26 12.69 12.64
N LEU A 588 3.98 12.50 12.98
CA LEU A 588 3.05 11.80 12.11
C LEU A 588 2.85 12.55 10.78
N ARG A 589 2.69 13.86 10.84
CA ARG A 589 2.45 14.65 9.62
C ARG A 589 3.58 14.44 8.62
N THR A 590 4.82 14.51 9.10
CA THR A 590 5.97 14.35 8.21
C THR A 590 6.19 12.90 7.81
N LEU A 591 6.17 11.95 8.75
CA LEU A 591 6.32 10.55 8.36
C LEU A 591 5.25 10.15 7.35
N HIS A 592 4.01 10.57 7.59
CA HIS A 592 2.91 10.22 6.71
C HIS A 592 3.07 10.82 5.31
N SER A 593 3.81 11.91 5.18
CA SER A 593 4.03 12.51 3.85
C SER A 593 4.83 11.59 2.91
N PHE A 594 5.56 10.62 3.48
CA PHE A 594 6.25 9.58 2.70
C PHE A 594 5.34 8.40 2.36
N ASP A 595 4.14 8.37 2.96
CA ASP A 595 3.21 7.26 2.77
C ASP A 595 3.94 5.94 3.09
N PRO A 596 4.44 5.80 4.33
CA PRO A 596 5.23 4.62 4.68
C PRO A 596 4.47 3.32 4.48
N CYS A 597 5.11 2.39 3.78
CA CYS A 597 4.56 1.05 3.63
C CYS A 597 5.58 0.09 4.24
N LEU A 598 5.30 -0.33 5.46
CA LEU A 598 6.29 -1.07 6.25
C LEU A 598 6.37 -2.54 5.89
N ALA A 599 5.25 -3.13 5.50
CA ALA A 599 5.27 -4.50 5.00
C ALA A 599 6.10 -4.56 3.72
N CYS A 600 5.92 -3.57 2.85
CA CYS A 600 6.76 -3.39 1.68
C CYS A 600 8.23 -3.26 2.01
N SER A 601 8.53 -2.43 3.00
CA SER A 601 9.91 -2.08 3.30
C SER A 601 10.75 -3.28 3.72
N THR A 602 10.10 -4.25 4.36
CA THR A 602 10.77 -5.40 4.96
C THR A 602 10.55 -6.71 4.20
N HIS A 603 9.37 -6.86 3.62
CA HIS A 603 9.01 -8.05 2.83
C HIS A 603 9.53 -9.36 3.44
N PRO B 5 -25.93 1.49 21.80
CA PRO B 5 -24.48 1.38 21.63
C PRO B 5 -24.09 0.44 20.49
N ARG B 6 -23.09 0.85 19.72
CA ARG B 6 -22.56 0.04 18.64
C ARG B 6 -21.46 -0.88 19.18
N THR B 7 -21.43 -2.13 18.74
CA THR B 7 -20.44 -3.09 19.26
C THR B 7 -19.02 -2.66 18.93
N PRO B 8 -18.15 -2.55 19.96
CA PRO B 8 -16.77 -2.24 19.65
C PRO B 8 -16.07 -3.36 18.90
N VAL B 9 -15.27 -2.97 17.92
CA VAL B 9 -14.38 -3.87 17.21
C VAL B 9 -12.97 -3.38 17.45
N LEU B 10 -12.14 -4.26 18.00
CA LEU B 10 -10.71 -4.03 18.12
C LEU B 10 -10.06 -4.85 17.01
N TRP B 11 -9.51 -4.15 16.02
CA TRP B 11 -8.94 -4.77 14.82
C TRP B 11 -7.42 -4.75 14.94
N LEU B 12 -6.83 -5.90 15.25
CA LEU B 12 -5.39 -6.04 15.38
C LEU B 12 -4.75 -6.49 14.06
N HIS B 13 -3.49 -6.08 13.88
CA HIS B 13 -2.67 -6.45 12.73
CA HIS B 13 -2.67 -6.45 12.73
C HIS B 13 -1.38 -7.12 13.19
N GLY B 14 -1.16 -8.35 12.73
CA GLY B 14 0.10 -9.06 13.01
C GLY B 14 0.99 -8.97 11.79
N LEU B 15 1.62 -10.08 11.41
CA LEU B 15 2.33 -10.15 10.13
C LEU B 15 1.27 -10.24 9.04
N GLU B 16 1.28 -9.27 8.14
CA GLU B 16 0.22 -9.06 7.17
CA GLU B 16 0.24 -9.13 7.12
C GLU B 16 0.71 -8.24 5.97
N CYS B 17 -0.11 -8.18 4.93
CA CYS B 17 0.14 -7.30 3.80
C CYS B 17 -0.90 -6.18 3.73
N THR B 18 -1.91 -6.24 4.63
CA THR B 18 -3.03 -5.29 4.72
C THR B 18 -4.08 -5.48 3.61
N CYS B 19 -4.05 -6.62 2.91
CA CYS B 19 -5.04 -6.84 1.85
C CYS B 19 -6.47 -6.98 2.39
N CYS B 20 -6.61 -7.45 3.62
CA CYS B 20 -7.93 -7.65 4.22
C CYS B 20 -8.58 -6.33 4.64
N SER B 21 -7.80 -5.43 5.23
CA SER B 21 -8.29 -4.07 5.52
C SER B 21 -8.71 -3.36 4.24
N GLU B 22 -7.90 -3.51 3.19
CA GLU B 22 -8.22 -2.90 1.90
C GLU B 22 -9.47 -3.50 1.30
N SER B 23 -9.60 -4.83 1.32
CA SER B 23 -10.79 -5.46 0.77
C SER B 23 -12.03 -4.96 1.52
N PHE B 24 -11.95 -4.90 2.85
CA PHE B 24 -13.06 -4.44 3.68
C PHE B 24 -13.65 -3.12 3.20
N ILE B 25 -12.79 -2.12 2.91
CA ILE B 25 -13.30 -0.81 2.48
C ILE B 25 -13.84 -0.76 1.05
N ARG B 26 -13.74 -1.86 0.30
CA ARG B 26 -14.35 -1.94 -1.03
C ARG B 26 -15.82 -2.31 -0.98
N SER B 27 -16.33 -2.70 0.19
CA SER B 27 -17.71 -3.17 0.30
C SER B 27 -18.70 -2.12 -0.20
N ALA B 28 -19.62 -2.55 -1.06
CA ALA B 28 -20.69 -1.68 -1.56
C ALA B 28 -21.99 -1.88 -0.78
N HIS B 29 -22.20 -3.09 -0.29
CA HIS B 29 -23.44 -3.46 0.40
C HIS B 29 -23.13 -4.32 1.61
N PRO B 30 -22.98 -3.69 2.79
CA PRO B 30 -23.06 -2.27 3.09
C PRO B 30 -21.76 -1.53 2.77
N LEU B 31 -21.84 -0.21 2.68
CA LEU B 31 -20.66 0.63 2.55
C LEU B 31 -19.84 0.53 3.84
N ALA B 32 -18.52 0.52 3.68
CA ALA B 32 -17.61 0.52 4.83
C ALA B 32 -17.84 1.77 5.68
N LYS B 33 -18.12 2.89 5.02
CA LYS B 33 -18.45 4.14 5.72
C LYS B 33 -19.62 3.94 6.67
N ASP B 34 -20.67 3.27 6.20
CA ASP B 34 -21.85 3.00 7.02
C ASP B 34 -21.57 2.02 8.15
N VAL B 35 -20.74 1.01 7.88
CA VAL B 35 -20.32 0.06 8.92
C VAL B 35 -19.63 0.79 10.08
N VAL B 36 -18.68 1.66 9.73
CA VAL B 36 -17.86 2.36 10.71
C VAL B 36 -18.66 3.40 11.50
N LEU B 37 -19.50 4.16 10.81
CA LEU B 37 -20.25 5.24 11.44
C LEU B 37 -21.53 4.78 12.13
N SER B 38 -22.14 3.70 11.64
CA SER B 38 -23.49 3.31 12.10
C SER B 38 -23.68 1.90 12.67
N MET B 39 -22.75 0.98 12.42
N MET B 39 -22.74 1.00 12.42
CA MET B 39 -22.93 -0.42 12.80
CA MET B 39 -22.93 -0.41 12.78
C MET B 39 -22.00 -0.87 13.93
C MET B 39 -22.01 -0.86 13.92
N ILE B 40 -20.70 -0.69 13.73
CA ILE B 40 -19.70 -1.03 14.76
C ILE B 40 -19.12 0.24 15.33
N SER B 41 -18.31 0.08 16.38
CA SER B 41 -17.45 1.16 16.84
C SER B 41 -16.02 0.68 16.65
N LEU B 42 -15.39 1.14 15.58
CA LEU B 42 -14.04 0.69 15.23
C LEU B 42 -13.04 1.47 16.08
N ASP B 43 -12.77 0.94 17.28
CA ASP B 43 -12.03 1.67 18.30
C ASP B 43 -10.51 1.53 18.22
N TYR B 44 -10.03 0.45 17.62
CA TYR B 44 -8.59 0.26 17.42
C TYR B 44 -8.41 -0.37 16.06
N ASP B 45 -7.55 0.25 15.25
CA ASP B 45 -7.27 -0.22 13.90
C ASP B 45 -6.12 0.64 13.40
N ASP B 46 -4.92 0.06 13.39
CA ASP B 46 -3.74 0.86 13.10
CA ASP B 46 -3.69 0.80 13.06
C ASP B 46 -3.76 1.57 11.74
N THR B 47 -4.55 1.06 10.78
CA THR B 47 -4.61 1.65 9.44
C THR B 47 -5.32 3.00 9.36
N LEU B 48 -6.34 3.22 10.21
CA LEU B 48 -7.25 4.38 10.11
CA LEU B 48 -7.19 4.40 10.09
C LEU B 48 -7.30 5.27 11.34
N MET B 49 -6.86 4.75 12.49
CA MET B 49 -7.03 5.46 13.75
C MET B 49 -6.19 6.74 13.88
N ALA B 50 -6.79 7.75 14.52
CA ALA B 50 -6.16 9.05 14.70
C ALA B 50 -5.00 8.99 15.69
N ALA B 51 -5.22 8.29 16.81
CA ALA B 51 -4.21 8.18 17.85
C ALA B 51 -3.05 7.27 17.45
N ALA B 52 -1.87 7.57 17.97
CA ALA B 52 -0.67 6.75 17.78
C ALA B 52 -0.02 6.47 19.12
N GLY B 53 0.97 5.59 19.10
CA GLY B 53 1.82 5.35 20.25
C GLY B 53 1.05 5.07 21.53
N HIS B 54 1.38 5.81 22.59
CA HIS B 54 0.78 5.58 23.91
C HIS B 54 -0.72 5.83 23.90
N GLN B 55 -1.17 6.78 23.09
CA GLN B 55 -2.58 7.16 23.03
C GLN B 55 -3.40 6.07 22.36
N ALA B 56 -2.82 5.42 21.35
CA ALA B 56 -3.46 4.30 20.68
C ALA B 56 -3.57 3.08 21.60
N GLU B 57 -2.47 2.76 22.27
CA GLU B 57 -2.46 1.57 23.12
C GLU B 57 -3.39 1.70 24.33
N ALA B 58 -3.54 2.92 24.85
CA ALA B 58 -4.44 3.18 25.98
C ALA B 58 -5.90 2.86 25.65
N ILE B 59 -6.27 2.92 24.37
CA ILE B 59 -7.63 2.58 23.94
C ILE B 59 -7.98 1.12 24.25
N LEU B 60 -7.04 0.21 24.03
CA LEU B 60 -7.32 -1.21 24.24
C LEU B 60 -7.80 -1.46 25.65
N GLU B 61 -7.06 -0.97 26.64
CA GLU B 61 -7.43 -1.19 28.04
C GLU B 61 -8.79 -0.56 28.37
N GLU B 62 -9.08 0.61 27.83
CA GLU B 62 -10.35 1.30 28.11
C GLU B 62 -11.56 0.51 27.59
N ILE B 63 -11.47 0.06 26.35
CA ILE B 63 -12.55 -0.69 25.71
C ILE B 63 -12.72 -2.07 26.36
N MET B 64 -11.60 -2.72 26.66
CA MET B 64 -11.64 -4.06 27.26
C MET B 64 -12.31 -4.04 28.63
N THR B 65 -12.09 -2.95 29.38
CA THR B 65 -12.70 -2.76 30.69
C THR B 65 -14.19 -2.43 30.57
N LYS B 66 -14.51 -1.42 29.76
CA LYS B 66 -15.89 -0.96 29.67
C LYS B 66 -16.81 -1.94 28.94
N TYR B 67 -16.27 -2.70 28.00
CA TYR B 67 -17.06 -3.65 27.21
C TYR B 67 -16.60 -5.10 27.39
N LYS B 68 -16.11 -5.43 28.58
CA LYS B 68 -15.63 -6.79 28.88
C LYS B 68 -16.62 -7.86 28.41
N GLY B 69 -16.12 -8.79 27.59
CA GLY B 69 -16.95 -9.86 27.06
C GLY B 69 -18.02 -9.41 26.09
N ASN B 70 -17.91 -8.17 25.61
CA ASN B 70 -18.91 -7.63 24.69
C ASN B 70 -18.29 -6.80 23.57
N TYR B 71 -17.07 -7.14 23.18
CA TYR B 71 -16.44 -6.58 21.98
C TYR B 71 -15.96 -7.72 21.08
N ILE B 72 -15.83 -7.41 19.79
CA ILE B 72 -15.32 -8.34 18.81
C ILE B 72 -13.83 -8.05 18.60
N LEU B 73 -13.02 -9.09 18.63
CA LEU B 73 -11.62 -9.00 18.24
C LEU B 73 -11.53 -9.46 16.80
N ALA B 74 -11.11 -8.57 15.90
CA ALA B 74 -10.79 -8.94 14.52
C ALA B 74 -9.27 -8.95 14.36
N VAL B 75 -8.75 -10.01 13.75
CA VAL B 75 -7.30 -10.14 13.56
C VAL B 75 -6.99 -10.30 12.08
N GLU B 76 -6.14 -9.41 11.59
CA GLU B 76 -5.58 -9.49 10.26
C GLU B 76 -4.12 -9.86 10.44
N GLY B 77 -3.66 -10.85 9.70
CA GLY B 77 -2.30 -11.32 9.86
C GLY B 77 -2.16 -12.26 11.01
N ASN B 78 -0.91 -12.52 11.40
CA ASN B 78 -0.64 -13.53 12.41
C ASN B 78 0.64 -13.29 13.19
N PRO B 79 0.81 -14.00 14.33
CA PRO B 79 2.02 -13.85 15.12
C PRO B 79 3.12 -14.81 14.70
N PRO B 80 4.37 -14.31 14.64
CA PRO B 80 5.53 -15.17 14.46
C PRO B 80 6.04 -15.73 15.79
N LEU B 81 6.46 -16.99 15.80
CA LEU B 81 7.04 -17.59 17.00
C LEU B 81 8.58 -17.58 17.02
N ASN B 82 9.20 -17.44 15.85
CA ASN B 82 10.65 -17.29 15.79
C ASN B 82 11.07 -15.87 16.14
N GLN B 83 12.38 -15.65 16.24
CA GLN B 83 12.95 -14.35 16.63
C GLN B 83 12.40 -13.88 17.98
N ASP B 84 12.10 -14.83 18.87
CA ASP B 84 11.43 -14.54 20.15
C ASP B 84 10.15 -13.71 19.99
N GLY B 85 9.48 -13.89 18.85
CA GLY B 85 8.27 -13.14 18.52
C GLY B 85 8.50 -11.71 18.03
N MET B 86 9.76 -11.29 17.97
CA MET B 86 10.09 -9.89 17.68
C MET B 86 10.31 -9.63 16.18
N SER B 87 9.92 -10.58 15.35
CA SER B 87 9.73 -10.30 13.94
C SER B 87 8.35 -9.63 13.71
N CYS B 88 7.59 -9.42 14.79
CA CYS B 88 6.43 -8.52 14.76
C CYS B 88 6.30 -7.83 16.11
N ILE B 89 6.79 -6.59 16.18
CA ILE B 89 6.88 -5.83 17.42
C ILE B 89 5.81 -4.75 17.47
N ILE B 90 5.04 -4.71 18.56
CA ILE B 90 4.07 -3.65 18.80
C ILE B 90 4.24 -3.12 20.23
N GLY B 91 4.41 -1.81 20.36
CA GLY B 91 4.68 -1.19 21.66
C GLY B 91 5.91 -1.76 22.35
N GLY B 92 6.92 -2.09 21.55
CA GLY B 92 8.15 -2.69 22.06
C GLY B 92 8.07 -4.14 22.52
N ARG B 93 6.92 -4.78 22.26
N ARG B 93 6.93 -4.79 22.25
CA ARG B 93 6.65 -6.14 22.73
CA ARG B 93 6.70 -6.16 22.73
C ARG B 93 6.21 -7.03 21.57
C ARG B 93 6.21 -7.03 21.58
N PRO B 94 6.36 -8.37 21.71
CA PRO B 94 5.90 -9.24 20.62
C PRO B 94 4.39 -9.12 20.39
N PHE B 95 3.99 -9.18 19.12
CA PHE B 95 2.59 -9.10 18.75
C PHE B 95 1.76 -10.17 19.47
N ILE B 96 2.32 -11.37 19.63
CA ILE B 96 1.60 -12.46 20.30
C ILE B 96 1.10 -12.08 21.70
N GLU B 97 1.85 -11.23 22.41
N GLU B 97 1.86 -11.23 22.40
CA GLU B 97 1.44 -10.78 23.73
CA GLU B 97 1.47 -10.75 23.72
C GLU B 97 0.23 -9.84 23.64
C GLU B 97 0.23 -9.84 23.63
N GLN B 98 0.20 -8.99 22.61
CA GLN B 98 -0.99 -8.14 22.37
C GLN B 98 -2.20 -8.99 22.01
N LEU B 99 -2.01 -9.97 21.11
CA LEU B 99 -3.08 -10.84 20.65
C LEU B 99 -3.72 -11.58 21.82
N LYS B 100 -2.88 -12.19 22.65
CA LYS B 100 -3.36 -12.93 23.81
C LYS B 100 -4.08 -12.03 24.82
N TYR B 101 -3.55 -10.83 25.04
CA TYR B 101 -4.16 -9.87 25.96
C TYR B 101 -5.58 -9.48 25.51
N VAL B 102 -5.72 -9.10 24.24
CA VAL B 102 -7.02 -8.62 23.74
C VAL B 102 -8.00 -9.78 23.55
N ALA B 103 -7.50 -10.97 23.23
CA ALA B 103 -8.36 -12.15 23.02
C ALA B 103 -9.07 -12.61 24.29
N LYS B 104 -8.46 -12.38 25.44
CA LYS B 104 -8.97 -12.97 26.69
C LYS B 104 -10.41 -12.55 27.03
N ASP B 105 -10.78 -11.30 26.74
CA ASP B 105 -12.11 -10.77 27.09
C ASP B 105 -13.03 -10.52 25.88
N ALA B 106 -12.66 -11.02 24.71
CA ALA B 106 -13.46 -10.84 23.51
C ALA B 106 -14.70 -11.75 23.50
N LYS B 107 -15.80 -11.23 22.99
CA LYS B 107 -17.04 -11.99 22.80
C LYS B 107 -16.89 -13.02 21.67
N ALA B 108 -16.21 -12.60 20.61
CA ALA B 108 -15.94 -13.43 19.45
C ALA B 108 -14.65 -12.96 18.80
N ILE B 109 -14.02 -13.87 18.05
CA ILE B 109 -12.77 -13.56 17.35
C ILE B 109 -12.95 -13.90 15.87
N ILE B 110 -12.66 -12.92 15.01
CA ILE B 110 -12.68 -13.12 13.57
C ILE B 110 -11.24 -13.20 13.09
N SER B 111 -10.89 -14.28 12.41
CA SER B 111 -9.61 -14.42 11.72
C SER B 111 -9.86 -14.00 10.27
N TRP B 112 -9.52 -12.76 9.95
CA TRP B 112 -9.66 -12.24 8.59
C TRP B 112 -8.59 -12.82 7.69
N GLY B 113 -9.00 -13.42 6.57
CA GLY B 113 -8.08 -13.78 5.50
C GLY B 113 -7.25 -15.03 5.74
N SER B 114 -6.52 -15.42 4.71
CA SER B 114 -5.72 -16.63 4.77
C SER B 114 -4.57 -16.56 5.78
N CYS B 115 -3.99 -15.38 5.99
CA CYS B 115 -2.92 -15.23 6.99
C CYS B 115 -3.40 -15.60 8.40
N ALA B 116 -4.43 -14.92 8.88
CA ALA B 116 -4.96 -15.17 10.22
C ALA B 116 -5.55 -16.58 10.34
N SER B 117 -6.20 -17.03 9.28
CA SER B 117 -6.90 -18.31 9.26
C SER B 117 -5.95 -19.50 9.24
N TRP B 118 -4.94 -19.44 8.38
CA TRP B 118 -4.10 -20.61 8.08
C TRP B 118 -2.58 -20.43 8.13
N GLY B 119 -2.08 -19.18 8.08
CA GLY B 119 -0.63 -18.94 8.08
C GLY B 119 -0.22 -17.98 6.98
N GLY B 120 -0.86 -18.12 5.82
CA GLY B 120 -0.64 -17.21 4.71
C GLY B 120 0.73 -17.34 4.07
N VAL B 121 1.08 -16.34 3.26
CA VAL B 121 2.29 -16.40 2.45
C VAL B 121 3.54 -16.55 3.32
N GLN B 122 3.57 -15.84 4.45
CA GLN B 122 4.74 -15.90 5.35
C GLN B 122 4.93 -17.29 5.96
N ALA B 123 3.87 -18.09 6.02
CA ALA B 123 3.94 -19.47 6.53
C ALA B 123 4.30 -20.50 5.46
N ALA B 124 4.41 -20.07 4.20
CA ALA B 124 4.86 -20.96 3.14
C ALA B 124 6.31 -21.38 3.40
N LYS B 125 6.68 -22.55 2.90
CA LYS B 125 8.02 -23.09 3.15
C LYS B 125 9.12 -22.10 2.74
N PRO B 126 10.14 -21.93 3.59
CA PRO B 126 10.41 -22.61 4.86
C PRO B 126 9.91 -21.89 6.13
N ASN B 127 8.95 -20.97 5.99
CA ASN B 127 8.37 -20.23 7.13
C ASN B 127 9.43 -19.69 8.11
N PRO B 128 10.24 -18.72 7.66
CA PRO B 128 11.36 -18.24 8.48
C PRO B 128 10.97 -17.63 9.84
N THR B 129 9.78 -17.06 9.95
CA THR B 129 9.35 -16.45 11.22
C THR B 129 8.48 -17.37 12.09
N GLN B 130 8.26 -18.60 11.62
CA GLN B 130 7.30 -19.51 12.25
CA GLN B 130 7.29 -19.52 12.23
C GLN B 130 5.96 -18.79 12.49
N ALA B 131 5.45 -18.18 11.42
CA ALA B 131 4.17 -17.50 11.44
C ALA B 131 3.10 -18.57 11.68
N THR B 132 2.16 -18.28 12.56
CA THR B 132 1.22 -19.28 13.08
C THR B 132 -0.20 -18.73 13.07
N PRO B 133 -1.17 -19.49 12.52
CA PRO B 133 -2.53 -18.95 12.49
C PRO B 133 -3.11 -18.71 13.89
N VAL B 134 -4.07 -17.81 13.97
CA VAL B 134 -4.63 -17.36 15.25
C VAL B 134 -5.19 -18.50 16.10
N HIS B 135 -5.88 -19.46 15.46
CA HIS B 135 -6.55 -20.54 16.19
C HIS B 135 -5.58 -21.57 16.80
N LYS B 136 -4.32 -21.55 16.38
CA LYS B 136 -3.28 -22.38 17.00
C LYS B 136 -2.67 -21.69 18.22
N VAL B 137 -2.88 -20.39 18.36
CA VAL B 137 -2.38 -19.60 19.48
C VAL B 137 -3.47 -19.36 20.52
N ILE B 138 -4.65 -18.96 20.05
CA ILE B 138 -5.81 -18.77 20.92
C ILE B 138 -6.68 -20.00 20.79
N THR B 139 -6.65 -20.85 21.82
CA THR B 139 -7.28 -22.16 21.76
C THR B 139 -8.54 -22.30 22.65
N ASP B 140 -8.93 -21.22 23.33
CA ASP B 140 -10.03 -21.25 24.31
C ASP B 140 -11.16 -20.24 24.04
N LYS B 141 -11.25 -19.74 22.80
CA LYS B 141 -12.27 -18.76 22.42
C LYS B 141 -12.95 -19.14 21.09
N PRO B 142 -14.19 -18.67 20.87
CA PRO B 142 -14.86 -18.95 19.60
C PRO B 142 -14.21 -18.12 18.48
N ILE B 143 -13.75 -18.81 17.44
CA ILE B 143 -13.11 -18.15 16.30
C ILE B 143 -13.84 -18.50 15.01
N ILE B 144 -14.15 -17.47 14.22
CA ILE B 144 -14.68 -17.66 12.86
C ILE B 144 -13.54 -17.33 11.89
N LYS B 145 -13.25 -18.26 10.99
CA LYS B 145 -12.26 -18.04 9.92
C LYS B 145 -12.95 -17.53 8.67
N VAL B 146 -12.38 -16.47 8.08
CA VAL B 146 -12.91 -15.87 6.86
C VAL B 146 -11.74 -15.84 5.87
N PRO B 147 -11.42 -17.01 5.30
CA PRO B 147 -10.20 -17.10 4.49
C PRO B 147 -10.33 -16.54 3.08
N GLY B 148 -9.21 -16.53 2.36
CA GLY B 148 -9.11 -15.86 1.08
C GLY B 148 -8.02 -14.81 1.20
N CYS B 149 -7.39 -14.49 0.08
CA CYS B 149 -6.23 -13.60 0.06
C CYS B 149 -6.41 -12.47 -0.95
N PRO B 150 -7.19 -11.42 -0.58
CA PRO B 150 -8.01 -11.34 0.62
C PRO B 150 -9.38 -12.00 0.40
N PRO B 151 -10.22 -12.05 1.43
CA PRO B 151 -11.61 -12.45 1.20
C PRO B 151 -12.34 -11.37 0.41
N ILE B 152 -13.44 -11.77 -0.21
CA ILE B 152 -14.31 -10.85 -0.93
C ILE B 152 -14.84 -9.80 0.05
N ALA B 153 -14.91 -8.54 -0.39
CA ALA B 153 -15.33 -7.44 0.49
C ALA B 153 -16.70 -7.71 1.13
N GLU B 154 -17.66 -8.13 0.32
CA GLU B 154 -19.03 -8.37 0.79
C GLU B 154 -19.13 -9.59 1.69
N VAL B 155 -18.18 -10.52 1.57
CA VAL B 155 -18.11 -11.63 2.51
C VAL B 155 -17.68 -11.09 3.87
N MET B 156 -16.67 -10.23 3.89
CA MET B 156 -16.19 -9.64 5.15
C MET B 156 -17.28 -8.84 5.85
N THR B 157 -17.91 -7.92 5.14
CA THR B 157 -18.99 -7.12 5.72
C THR B 157 -20.26 -7.95 5.97
N GLY B 158 -20.46 -9.00 5.18
CA GLY B 158 -21.55 -9.93 5.40
C GLY B 158 -21.44 -10.64 6.74
N VAL B 159 -20.23 -11.06 7.09
CA VAL B 159 -19.97 -11.70 8.37
C VAL B 159 -20.23 -10.72 9.54
N ILE B 160 -19.70 -9.51 9.42
CA ILE B 160 -19.93 -8.49 10.43
C ILE B 160 -21.42 -8.22 10.60
N THR B 161 -22.12 -8.02 9.49
CA THR B 161 -23.55 -7.72 9.51
C THR B 161 -24.34 -8.80 10.23
N TYR B 162 -24.04 -10.06 9.94
CA TYR B 162 -24.72 -11.18 10.59
C TYR B 162 -24.46 -11.15 12.09
N MET B 163 -23.19 -11.00 12.47
CA MET B 163 -22.81 -11.01 13.88
C MET B 163 -23.45 -9.85 14.65
N LEU B 164 -23.55 -8.68 14.04
CA LEU B 164 -24.17 -7.54 14.71
C LEU B 164 -25.68 -7.65 14.80
N THR B 165 -26.32 -8.11 13.73
CA THR B 165 -27.77 -8.28 13.73
C THR B 165 -28.22 -9.31 14.76
N PHE B 166 -27.54 -10.44 14.81
CA PHE B 166 -28.01 -11.58 15.60
C PHE B 166 -27.26 -11.80 16.92
N ASP B 167 -26.14 -11.10 17.10
CA ASP B 167 -25.29 -11.30 18.29
C ASP B 167 -24.91 -12.77 18.41
N ARG B 168 -24.58 -13.36 17.27
CA ARG B 168 -24.24 -14.79 17.15
C ARG B 168 -23.23 -14.94 16.04
N ILE B 169 -22.37 -15.95 16.17
CA ILE B 169 -21.50 -16.38 15.09
C ILE B 169 -22.35 -17.24 14.15
N PRO B 170 -22.23 -17.05 12.82
CA PRO B 170 -23.05 -17.89 11.95
C PRO B 170 -22.58 -19.34 11.94
N GLU B 171 -23.40 -20.23 11.38
CA GLU B 171 -23.07 -21.64 11.33
C GLU B 171 -21.75 -21.82 10.57
N LEU B 172 -20.86 -22.62 11.15
CA LEU B 172 -19.54 -22.86 10.59
C LEU B 172 -19.40 -24.28 10.09
N ASP B 173 -18.57 -24.47 9.06
CA ASP B 173 -18.18 -25.81 8.63
C ASP B 173 -17.12 -26.36 9.59
N ARG B 174 -16.64 -27.58 9.36
N ARG B 174 -16.66 -27.57 9.34
CA ARG B 174 -15.67 -28.22 10.25
CA ARG B 174 -15.68 -28.24 10.20
C ARG B 174 -14.32 -27.47 10.31
C ARG B 174 -14.32 -27.51 10.29
N GLN B 175 -14.02 -26.69 9.28
CA GLN B 175 -12.80 -25.86 9.26
C GLN B 175 -13.01 -24.46 9.85
N GLY B 176 -14.21 -24.19 10.37
CA GLY B 176 -14.48 -22.93 11.06
C GLY B 176 -14.86 -21.79 10.15
N ARG B 177 -15.22 -22.11 8.90
CA ARG B 177 -15.63 -21.09 7.93
C ARG B 177 -17.16 -20.97 7.90
N PRO B 178 -17.68 -19.75 7.69
CA PRO B 178 -19.13 -19.58 7.62
C PRO B 178 -19.75 -20.27 6.40
N LYS B 179 -20.69 -21.19 6.65
CA LYS B 179 -21.37 -21.92 5.57
C LYS B 179 -22.11 -21.00 4.61
N MET B 180 -22.57 -19.84 5.09
CA MET B 180 -23.31 -18.90 4.24
C MET B 180 -22.45 -18.31 3.09
N PHE B 181 -21.13 -18.37 3.22
CA PHE B 181 -20.22 -17.90 2.18
C PHE B 181 -19.24 -18.96 1.61
N TYR B 182 -18.97 -20.03 2.34
CA TYR B 182 -17.93 -21.01 1.94
C TYR B 182 -18.44 -22.44 1.71
N SER B 183 -19.73 -22.60 1.44
CA SER B 183 -20.32 -23.93 1.23
CA SER B 183 -20.32 -23.93 1.23
C SER B 183 -20.08 -24.49 -0.17
N GLN B 184 -19.78 -23.61 -1.14
CA GLN B 184 -19.56 -24.04 -2.52
C GLN B 184 -18.09 -23.97 -2.91
N ARG B 185 -17.67 -24.91 -3.74
CA ARG B 185 -16.42 -24.79 -4.45
C ARG B 185 -16.59 -23.86 -5.64
N ILE B 186 -15.53 -23.14 -6.00
CA ILE B 186 -15.54 -22.27 -7.18
C ILE B 186 -16.15 -23.02 -8.37
N HIS B 187 -15.69 -24.25 -8.54
CA HIS B 187 -16.04 -25.12 -9.68
C HIS B 187 -17.53 -25.52 -9.73
N ASP B 188 -18.23 -25.46 -8.59
CA ASP B 188 -19.66 -25.83 -8.53
C ASP B 188 -20.52 -24.99 -9.49
N LYS B 189 -20.36 -23.67 -9.46
CA LYS B 189 -21.17 -22.76 -10.29
C LYS B 189 -20.34 -21.90 -11.26
N CYS B 190 -19.05 -22.20 -11.41
CA CYS B 190 -18.21 -21.47 -12.34
C CYS B 190 -18.88 -21.43 -13.71
N TYR B 191 -19.00 -20.24 -14.29
CA TYR B 191 -19.65 -20.07 -15.60
C TYR B 191 -18.91 -20.77 -16.75
N ARG B 192 -17.66 -21.16 -16.54
CA ARG B 192 -16.93 -21.96 -17.53
C ARG B 192 -17.18 -23.47 -17.43
N ARG B 193 -18.01 -23.90 -16.48
CA ARG B 193 -18.31 -25.34 -16.30
C ARG B 193 -18.79 -26.11 -17.54
N PRO B 194 -19.64 -25.47 -18.37
CA PRO B 194 -20.07 -26.20 -19.58
C PRO B 194 -18.91 -26.59 -20.48
N HIS B 195 -17.86 -25.76 -20.50
CA HIS B 195 -16.64 -26.10 -21.24
C HIS B 195 -15.87 -27.23 -20.55
N PHE B 196 -15.73 -27.15 -19.23
CA PHE B 196 -15.10 -28.23 -18.48
C PHE B 196 -15.81 -29.56 -18.75
N ASP B 197 -17.13 -29.54 -18.66
CA ASP B 197 -17.95 -30.74 -18.87
C ASP B 197 -17.83 -31.31 -20.29
N ALA B 198 -17.48 -30.46 -21.27
CA ALA B 198 -17.30 -30.90 -22.65
C ALA B 198 -15.85 -31.18 -23.00
N GLY B 199 -14.95 -31.04 -22.03
CA GLY B 199 -13.52 -31.23 -22.27
C GLY B 199 -12.91 -30.15 -23.15
N GLN B 200 -13.45 -28.93 -23.04
CA GLN B 200 -13.00 -27.76 -23.81
C GLN B 200 -12.11 -26.88 -22.93
N PHE B 201 -10.81 -26.87 -23.21
CA PHE B 201 -9.81 -26.28 -22.33
C PHE B 201 -8.85 -25.34 -23.03
N VAL B 202 -8.42 -24.32 -22.30
CA VAL B 202 -7.27 -23.51 -22.70
C VAL B 202 -6.01 -24.38 -22.49
N GLU B 203 -5.12 -24.39 -23.49
CA GLU B 203 -3.86 -25.15 -23.40
C GLU B 203 -2.63 -24.24 -23.38
N GLU B 204 -2.72 -23.07 -24.01
CA GLU B 204 -1.68 -22.05 -23.96
C GLU B 204 -2.34 -20.69 -23.80
N TRP B 205 -1.68 -19.76 -23.12
CA TRP B 205 -2.26 -18.43 -22.94
C TRP B 205 -2.52 -17.78 -24.29
N ASP B 206 -3.67 -17.12 -24.36
CA ASP B 206 -4.15 -16.41 -25.53
C ASP B 206 -4.30 -17.30 -26.78
N ASP B 207 -4.53 -18.59 -26.58
CA ASP B 207 -4.87 -19.46 -27.70
C ASP B 207 -6.34 -19.19 -28.08
N GLU B 208 -6.81 -19.78 -29.16
CA GLU B 208 -8.19 -19.57 -29.61
C GLU B 208 -9.19 -19.95 -28.51
N SER B 209 -8.87 -21.03 -27.78
CA SER B 209 -9.71 -21.47 -26.68
C SER B 209 -9.83 -20.41 -25.57
N ALA B 210 -8.74 -19.73 -25.26
CA ALA B 210 -8.75 -18.66 -24.24
C ALA B 210 -9.64 -17.49 -24.67
N ARG B 211 -9.60 -17.15 -25.95
CA ARG B 211 -10.43 -16.07 -26.47
C ARG B 211 -11.92 -16.43 -26.48
N LYS B 212 -12.23 -17.72 -26.41
CA LYS B 212 -13.61 -18.22 -26.34
CA LYS B 212 -13.61 -18.21 -26.34
CA LYS B 212 -13.61 -18.21 -26.34
C LYS B 212 -14.04 -18.54 -24.92
N GLY B 213 -13.16 -18.28 -23.95
CA GLY B 213 -13.48 -18.50 -22.54
C GLY B 213 -13.58 -19.96 -22.12
N PHE B 214 -12.79 -20.82 -22.76
CA PHE B 214 -12.75 -22.23 -22.39
C PHE B 214 -12.21 -22.42 -20.97
N CYS B 215 -12.46 -23.59 -20.42
CA CYS B 215 -12.10 -23.90 -19.04
C CYS B 215 -10.59 -23.78 -18.81
N LEU B 216 -10.21 -23.34 -17.62
CA LEU B 216 -8.81 -23.09 -17.27
C LEU B 216 -8.15 -24.21 -16.46
N TYR B 217 -8.81 -25.37 -16.36
CA TYR B 217 -8.28 -26.51 -15.59
C TYR B 217 -6.85 -26.87 -15.99
N LYS B 218 -6.61 -26.94 -17.30
CA LYS B 218 -5.29 -27.36 -17.80
C LYS B 218 -4.22 -26.26 -17.68
N MET B 219 -4.64 -25.04 -17.36
CA MET B 219 -3.72 -23.96 -17.02
C MET B 219 -3.50 -23.83 -15.52
N GLY B 220 -3.99 -24.81 -14.75
CA GLY B 220 -3.72 -24.87 -13.31
C GLY B 220 -4.85 -24.46 -12.39
N CYS B 221 -6.04 -24.19 -12.95
CA CYS B 221 -7.15 -23.72 -12.13
C CYS B 221 -7.42 -24.65 -10.95
N LYS B 222 -7.38 -24.09 -9.75
CA LYS B 222 -7.64 -24.85 -8.52
C LYS B 222 -9.08 -24.67 -8.02
N GLY B 223 -9.95 -24.13 -8.87
CA GLY B 223 -11.36 -23.99 -8.55
C GLY B 223 -12.02 -25.29 -8.07
N PRO B 224 -11.67 -26.45 -8.66
CA PRO B 224 -12.26 -27.72 -8.20
C PRO B 224 -11.98 -28.14 -6.76
N THR B 225 -10.98 -27.57 -6.10
CA THR B 225 -10.67 -27.90 -4.71
C THR B 225 -10.71 -26.70 -3.77
N THR B 226 -11.32 -25.60 -4.22
CA THR B 226 -11.29 -24.33 -3.49
C THR B 226 -12.70 -23.86 -3.14
N TYR B 227 -12.94 -23.63 -1.85
CA TYR B 227 -14.24 -23.17 -1.34
C TYR B 227 -14.23 -21.66 -1.14
N ASN B 228 -15.10 -20.95 -1.86
CA ASN B 228 -15.25 -19.50 -1.74
C ASN B 228 -16.48 -19.08 -2.52
N ALA B 229 -16.87 -17.81 -2.41
CA ALA B 229 -18.04 -17.29 -3.10
C ALA B 229 -17.72 -16.60 -4.44
N CYS B 230 -16.51 -16.79 -4.95
CA CYS B 230 -16.05 -16.03 -6.12
C CYS B 230 -16.84 -16.21 -7.41
N SER B 231 -17.37 -17.40 -7.68
CA SER B 231 -18.09 -17.68 -8.91
CA SER B 231 -18.06 -17.63 -8.94
C SER B 231 -19.49 -17.05 -8.97
N THR B 232 -20.07 -16.78 -7.80
CA THR B 232 -21.44 -16.28 -7.73
C THR B 232 -21.51 -14.84 -7.24
N THR B 233 -21.04 -14.62 -6.03
CA THR B 233 -20.94 -13.27 -5.48
C THR B 233 -19.98 -12.39 -6.29
N ARG B 234 -18.85 -12.98 -6.67
CA ARG B 234 -17.80 -12.30 -7.45
CA ARG B 234 -17.80 -12.30 -7.45
C ARG B 234 -17.19 -11.12 -6.69
N TRP B 235 -16.31 -10.38 -7.36
CA TRP B 235 -15.49 -9.36 -6.74
C TRP B 235 -15.85 -7.94 -7.12
N ASN B 236 -15.67 -7.02 -6.17
CA ASN B 236 -15.82 -5.58 -6.40
C ASN B 236 -17.19 -5.24 -6.99
N GLU B 237 -18.22 -5.56 -6.21
CA GLU B 237 -19.62 -5.41 -6.58
C GLU B 237 -20.00 -6.23 -7.82
N GLY B 238 -19.60 -7.50 -7.81
CA GLY B 238 -19.96 -8.43 -8.88
C GLY B 238 -19.37 -8.12 -10.25
N THR B 239 -18.24 -7.41 -10.27
CA THR B 239 -17.64 -6.97 -11.55
C THR B 239 -16.94 -8.10 -12.31
N SER B 240 -16.16 -8.91 -11.61
CA SER B 240 -15.48 -10.06 -12.22
C SER B 240 -15.00 -11.03 -11.13
N PHE B 241 -14.29 -12.06 -11.53
CA PHE B 241 -13.50 -12.87 -10.61
C PHE B 241 -12.31 -13.44 -11.38
N PRO B 242 -11.32 -14.02 -10.69
CA PRO B 242 -10.13 -14.43 -11.41
C PRO B 242 -10.37 -15.15 -12.73
N ILE B 243 -11.25 -16.14 -12.71
CA ILE B 243 -11.53 -16.97 -13.89
C ILE B 243 -12.20 -16.17 -15.02
N GLN B 244 -13.15 -15.31 -14.67
CA GLN B 244 -13.81 -14.47 -15.67
C GLN B 244 -12.82 -13.55 -16.38
N SER B 245 -11.81 -13.08 -15.65
CA SER B 245 -10.75 -12.24 -16.23
C SER B 245 -9.61 -13.03 -16.86
N GLY B 246 -9.70 -14.36 -16.82
CA GLY B 246 -8.84 -15.24 -17.63
C GLY B 246 -7.74 -16.02 -16.94
N HIS B 247 -7.57 -15.88 -15.63
CA HIS B 247 -6.55 -16.63 -14.90
C HIS B 247 -7.24 -17.67 -14.02
N GLY B 248 -6.68 -18.86 -13.95
CA GLY B 248 -7.22 -19.89 -13.07
C GLY B 248 -7.21 -19.45 -11.61
N CYS B 249 -8.13 -20.00 -10.83
CA CYS B 249 -8.08 -19.89 -9.38
C CYS B 249 -6.73 -20.46 -8.93
N ILE B 250 -6.06 -19.79 -8.00
CA ILE B 250 -4.79 -20.31 -7.44
C ILE B 250 -5.02 -20.95 -6.07
N GLY B 251 -6.27 -20.98 -5.64
CA GLY B 251 -6.68 -21.68 -4.43
C GLY B 251 -6.52 -20.86 -3.17
N CYS B 252 -6.67 -19.55 -3.28
CA CYS B 252 -6.18 -18.64 -2.23
C CYS B 252 -6.94 -18.65 -0.90
N SER B 253 -8.11 -19.26 -0.86
CA SER B 253 -8.86 -19.41 0.40
C SER B 253 -8.58 -20.73 1.14
N GLU B 254 -7.79 -21.60 0.53
CA GLU B 254 -7.52 -22.92 1.11
C GLU B 254 -6.24 -23.00 1.93
N ASP B 255 -6.31 -23.77 3.02
CA ASP B 255 -5.16 -24.02 3.90
C ASP B 255 -3.96 -24.52 3.08
N GLY B 256 -2.82 -23.84 3.24
CA GLY B 256 -1.57 -24.25 2.61
C GLY B 256 -1.49 -24.16 1.09
N PHE B 257 -2.30 -23.29 0.49
CA PHE B 257 -2.36 -23.21 -0.99
C PHE B 257 -1.03 -22.82 -1.65
N TRP B 258 -0.19 -22.10 -0.91
CA TRP B 258 1.13 -21.69 -1.41
C TRP B 258 2.09 -22.86 -1.64
N ASP B 259 1.86 -23.98 -0.96
CA ASP B 259 2.75 -25.14 -1.06
C ASP B 259 2.06 -26.36 -1.67
N LYS B 260 1.08 -26.12 -2.54
CA LYS B 260 0.39 -27.19 -3.27
C LYS B 260 0.90 -27.34 -4.71
N GLY B 261 2.16 -26.98 -4.94
CA GLY B 261 2.77 -27.03 -6.27
C GLY B 261 2.54 -25.74 -7.05
N SER B 262 3.12 -25.68 -8.25
CA SER B 262 2.96 -24.52 -9.11
C SER B 262 1.49 -24.23 -9.36
N PHE B 263 1.18 -22.94 -9.41
CA PHE B 263 -0.18 -22.49 -9.69
C PHE B 263 -0.64 -22.92 -11.09
N TYR B 264 0.33 -23.17 -11.97
CA TYR B 264 0.04 -23.53 -13.36
C TYR B 264 0.07 -25.03 -13.62
N ASP B 265 0.39 -25.81 -12.59
CA ASP B 265 0.30 -27.27 -12.68
C ASP B 265 -1.13 -27.70 -12.44
N ARG B 266 -1.69 -28.43 -13.40
CA ARG B 266 -3.07 -28.86 -13.30
C ARG B 266 -3.25 -29.87 -12.16
N LEU B 267 -4.46 -29.91 -11.61
CA LEU B 267 -4.85 -30.95 -10.68
C LEU B 267 -4.82 -32.30 -11.42
N THR B 268 -4.46 -33.36 -10.70
CA THR B 268 -4.47 -34.71 -11.26
C THR B 268 -5.83 -35.35 -11.01
N GLY B 269 -6.14 -36.38 -11.79
CA GLY B 269 -7.41 -37.08 -11.67
C GLY B 269 -8.61 -36.20 -12.01
N ILE B 270 -8.66 -35.74 -13.26
CA ILE B 270 -9.72 -34.83 -13.73
C ILE B 270 -11.15 -35.36 -13.58
N SER B 271 -11.32 -36.69 -13.64
CA SER B 271 -12.64 -37.31 -13.52
C SER B 271 -13.26 -37.16 -12.11
N GLN B 272 -12.44 -36.89 -11.10
CA GLN B 272 -12.93 -36.54 -9.76
C GLN B 272 -13.94 -35.39 -9.78
N PHE B 273 -13.67 -34.41 -10.64
CA PHE B 273 -14.36 -33.13 -10.60
C PHE B 273 -15.47 -32.97 -11.65
N GLY B 274 -15.82 -34.07 -12.32
CA GLY B 274 -16.87 -34.08 -13.34
C GLY B 274 -18.26 -34.16 -12.74
FE NFU C . 4.99 -0.55 -1.80
NI NFU C . 3.10 -1.30 -0.14
C1 NFU C . 4.57 1.05 -2.80
N1 NFU C . 4.33 1.94 -3.33
C2 NFU C . 6.37 0.45 -0.82
N2 NFU C . 7.16 1.02 -0.27
C3 NFU C . 6.10 -1.01 -3.17
O3 NFU C . 6.76 -1.28 -4.00
MG MG D . 15.04 -6.89 0.18
CL CL E . -0.44 12.43 1.14
CL CL F . 19.37 -9.27 22.04
FE1 SF4 G . -13.73 -25.40 -12.85
FE2 SF4 G . -11.68 -23.62 -13.05
FE3 SF4 G . -14.21 -22.95 -13.78
FE4 SF4 G . -12.78 -24.74 -15.28
S1 SF4 G . -12.27 -22.54 -15.02
S2 SF4 G . -15.02 -24.86 -14.66
S3 SF4 G . -11.59 -25.81 -13.59
S4 SF4 G . -13.49 -23.51 -11.68
FE1 F3S H . -9.66 -18.55 -6.38
FE3 F3S H . -11.42 -16.73 -5.52
FE4 F3S H . -8.91 -16.75 -4.55
S1 F3S H . -11.21 -17.52 -7.63
S2 F3S H . -7.60 -17.52 -6.29
S3 F3S H . -10.53 -18.41 -4.20
S4 F3S H . -10.15 -14.88 -5.06
CL CL I . -2.16 -20.20 3.92
CL CL I . -2.10 -20.91 4.17
FE4 35L J . -2.57 -9.95 2.71
FE2 35L J . -2.71 -11.96 4.38
FE1 35L J . -3.06 -13.21 2.16
FE3 35L J . -5.08 -10.39 3.84
S3 35L J . -3.18 -9.77 4.96
S1 35L J . -1.32 -11.84 2.53
S2 35L J . -4.73 -12.69 3.72
S4 35L J . -2.24 -15.47 2.16
S1 F4S K . -1.32 -11.84 2.53
FE1 F4S K . -3.63 -11.99 1.79
S2 F4S K . -4.73 -12.69 3.72
FE2 F4S K . -2.71 -11.96 4.38
S3 F4S K . -3.18 -9.77 4.96
FE3 F4S K . -5.08 -10.39 3.84
FE4 F4S K . -2.57 -9.95 2.71
#